data_6C3D
#
_entry.id   6C3D
#
_cell.length_a   79.010
_cell.length_b   112.560
_cell.length_c   102.130
_cell.angle_alpha   90.000
_cell.angle_beta   96.260
_cell.angle_gamma   90.000
#
_symmetry.space_group_name_H-M   'C 1 2 1'
#
loop_
_entity.id
_entity.type
_entity.pdbx_description
1 polymer 'Uncharacterized protein'
2 non-polymer 1,2-ETHANEDIOL
3 non-polymer '(2E,3E)-5-carbamimidamido-2-{[(Z)-{3-hydroxy-2-methyl-5-[(phosphonooxy)methyl]pyridin-4(1H)-ylidene}methyl]imino}pent-3-enoic acid'
4 non-polymer DI(HYDROXYETHYL)ETHER
5 water water
#
_entity_poly.entity_id   1
_entity_poly.type   'polypeptide(L)'
_entity_poly.pdbx_seq_one_letter_code
;MGSSHHHHHHSSGLVPRGSHMHPQATPAPGAPLLDLTQHEIQALTMKYNLADAHTHQRQSASQQSIVSRLPQLWYEAEEG
LQATYEKRFTEAFFQLHRQPTALVKNKTMLSYAASISTMVAGMFLKKERLAVTLIEPCFDNLYDVLANMDVPLYPIDESV
FYDVDRIYPELERRVRTDALFLVDPNNPTGFSLLRHGRKGFEEVVRFCKDHDKLLLIDFCFASFTLFEPELARFDMYELL
ENSGVRYLAIEDTGKTWPVQDAKCALITASDDIWETVYNLHTSVLLNVSPFVLNMLTQYVRDSAADRLASVREVLTRNRE
CARKTLDGSILEYQEPVVKVSVAWFRVDHPELTATDVHRLLSADGVYVLPGRYFYWSEPSKGDAYVRMALAREPEMFADA
MALTRQVLDRHGR
;
_entity_poly.pdbx_strand_id   A,B
#
# COMPACT_ATOMS: atom_id res chain seq x y z
N LEU A 34 -5.87 -6.25 -20.02
CA LEU A 34 -5.65 -7.48 -19.27
C LEU A 34 -4.17 -7.66 -18.90
N ASP A 35 -3.94 -8.20 -17.71
CA ASP A 35 -2.60 -8.44 -17.21
C ASP A 35 -2.59 -9.75 -16.45
N LEU A 36 -1.43 -10.12 -15.89
CA LEU A 36 -1.36 -11.36 -15.11
C LEU A 36 -2.15 -11.26 -13.82
N THR A 37 -2.23 -10.06 -13.22
CA THR A 37 -2.97 -9.93 -11.96
C THR A 37 -4.43 -10.29 -12.17
N GLN A 38 -5.01 -9.91 -13.31
CA GLN A 38 -6.41 -10.25 -13.57
C GLN A 38 -6.58 -11.74 -13.82
N HIS A 39 -5.59 -12.39 -14.43
CA HIS A 39 -5.57 -13.84 -14.49
C HIS A 39 -5.52 -14.44 -13.09
N GLU A 40 -4.72 -13.84 -12.21
CA GLU A 40 -4.57 -14.35 -10.84
C GLU A 40 -5.84 -14.14 -10.03
N ILE A 41 -6.60 -13.08 -10.30
CA ILE A 41 -7.88 -12.87 -9.62
C ILE A 41 -8.81 -14.04 -9.92
N GLN A 42 -8.91 -14.43 -11.20
CA GLN A 42 -9.78 -15.53 -11.58
C GLN A 42 -9.28 -16.86 -11.02
N ALA A 43 -7.97 -17.08 -11.04
CA ALA A 43 -7.41 -18.31 -10.49
C ALA A 43 -7.70 -18.46 -9.00
N LEU A 44 -7.80 -17.34 -8.28
CA LEU A 44 -8.04 -17.40 -6.83
C LEU A 44 -9.42 -17.96 -6.50
N THR A 45 -10.31 -18.11 -7.48
CA THR A 45 -11.62 -18.71 -7.25
C THR A 45 -11.61 -20.22 -7.46
N MET A 46 -10.47 -20.80 -7.85
CA MET A 46 -10.39 -22.19 -8.24
C MET A 46 -9.58 -22.99 -7.22
N LYS A 47 -9.90 -24.29 -7.13
CA LYS A 47 -9.16 -25.16 -6.22
C LYS A 47 -7.73 -25.37 -6.70
N TYR A 48 -7.54 -25.67 -7.98
CA TYR A 48 -6.20 -25.89 -8.52
C TYR A 48 -5.66 -24.59 -9.14
N ASN A 49 -5.45 -23.62 -8.26
CA ASN A 49 -4.85 -22.33 -8.65
C ASN A 49 -3.34 -22.49 -8.59
N LEU A 50 -2.71 -22.55 -9.77
CA LEU A 50 -1.26 -22.57 -9.89
C LEU A 50 -0.76 -21.28 -10.53
N ALA A 51 -1.49 -20.19 -10.34
CA ALA A 51 -1.21 -18.95 -11.05
C ALA A 51 -0.35 -17.99 -10.24
N ASP A 52 -0.93 -17.35 -9.23
CA ASP A 52 -0.20 -16.28 -8.54
C ASP A 52 0.90 -16.87 -7.67
N ALA A 53 2.03 -16.17 -7.62
CA ALA A 53 3.17 -16.65 -6.86
C ALA A 53 3.00 -16.46 -5.36
N HIS A 54 1.92 -15.80 -4.94
CA HIS A 54 1.68 -15.60 -3.53
C HIS A 54 1.63 -16.93 -2.78
N THR A 55 1.98 -16.87 -1.51
CA THR A 55 2.10 -18.07 -0.69
C THR A 55 0.72 -18.54 -0.24
N HIS A 56 0.40 -19.80 -0.54
CA HIS A 56 -0.85 -20.41 -0.10
C HIS A 56 -0.66 -21.77 0.57
N GLN A 57 0.57 -22.15 0.90
CA GLN A 57 0.77 -23.34 1.73
C GLN A 57 0.29 -23.06 3.16
N ARG A 58 0.05 -24.12 3.92
CA ARG A 58 -0.35 -23.95 5.31
C ARG A 58 0.87 -23.70 6.19
N GLN A 59 0.61 -23.49 7.47
CA GLN A 59 1.65 -23.19 8.44
C GLN A 59 2.38 -24.46 8.86
N SER A 60 3.70 -24.33 9.04
CA SER A 60 4.49 -25.36 9.70
C SER A 60 4.08 -25.46 11.18
N ALA A 61 4.58 -26.51 11.85
CA ALA A 61 4.26 -26.68 13.26
C ALA A 61 4.72 -25.48 14.09
N SER A 62 5.95 -25.02 13.86
CA SER A 62 6.43 -23.87 14.62
C SER A 62 5.72 -22.59 14.18
N GLN A 63 5.29 -22.50 12.91
CA GLN A 63 4.54 -21.33 12.49
C GLN A 63 3.14 -21.31 13.11
N GLN A 64 2.55 -22.49 13.36
CA GLN A 64 1.28 -22.52 14.07
C GLN A 64 1.42 -21.93 15.47
N SER A 65 2.61 -22.01 16.05
CA SER A 65 2.87 -21.35 17.31
C SER A 65 2.80 -19.84 17.19
N ILE A 66 3.28 -19.27 16.08
CA ILE A 66 3.16 -17.84 15.90
C ILE A 66 1.69 -17.44 15.84
N VAL A 67 0.90 -18.17 15.05
CA VAL A 67 -0.53 -17.90 14.93
C VAL A 67 -1.18 -17.87 16.33
N SER A 68 -0.80 -18.80 17.19
CA SER A 68 -1.40 -18.88 18.52
C SER A 68 -1.10 -17.68 19.40
N ARG A 69 -0.01 -16.94 19.12
CA ARG A 69 0.35 -15.78 19.92
C ARG A 69 -0.08 -14.46 19.28
N LEU A 70 -0.86 -14.51 18.20
CA LEU A 70 -1.30 -13.27 17.55
C LEU A 70 -1.97 -12.30 18.53
N PRO A 71 -2.82 -12.73 19.47
CA PRO A 71 -3.35 -11.76 20.45
C PRO A 71 -2.27 -11.06 21.26
N GLN A 72 -1.25 -11.80 21.71
CA GLN A 72 -0.13 -11.17 22.41
C GLN A 72 0.67 -10.24 21.49
N LEU A 73 0.92 -10.67 20.26
CA LEU A 73 1.62 -9.81 19.30
C LEU A 73 0.85 -8.51 19.08
N TRP A 74 -0.48 -8.59 19.09
CA TRP A 74 -1.31 -7.40 18.95
C TRP A 74 -1.16 -6.46 20.13
N TYR A 75 -1.33 -6.98 21.35
CA TYR A 75 -1.25 -6.11 22.52
C TYR A 75 0.15 -5.58 22.74
N GLU A 76 1.18 -6.37 22.42
CA GLU A 76 2.56 -5.86 22.46
C GLU A 76 2.73 -4.64 21.55
N ALA A 77 2.27 -4.72 20.31
CA ALA A 77 2.44 -3.62 19.38
C ALA A 77 1.65 -2.38 19.82
N GLU A 78 0.53 -2.57 20.52
CA GLU A 78 -0.25 -1.45 21.04
C GLU A 78 0.53 -0.66 22.08
N GLU A 79 1.26 -1.37 22.94
CA GLU A 79 1.95 -0.73 24.07
C GLU A 79 3.32 -0.19 23.70
N GLY A 80 4.00 -0.80 22.73
CA GLY A 80 5.35 -0.40 22.39
C GLY A 80 5.39 0.74 21.39
N LEU A 81 6.62 1.17 21.07
CA LEU A 81 6.82 2.26 20.13
C LEU A 81 6.93 1.74 18.71
N GLN A 82 6.32 2.49 17.78
CA GLN A 82 6.41 2.13 16.35
C GLN A 82 7.84 1.89 15.93
N ALA A 83 8.77 2.78 16.32
CA ALA A 83 10.14 2.65 15.83
C ALA A 83 10.80 1.39 16.35
N THR A 84 10.39 0.91 17.53
CA THR A 84 10.94 -0.33 18.06
C THR A 84 10.60 -1.50 17.15
N TYR A 85 9.34 -1.58 16.70
CA TYR A 85 8.96 -2.69 15.84
C TYR A 85 9.57 -2.56 14.45
N GLU A 86 9.74 -1.34 13.94
CA GLU A 86 10.46 -1.16 12.69
C GLU A 86 11.89 -1.66 12.80
N LYS A 87 12.57 -1.26 13.88
CA LYS A 87 13.97 -1.64 14.09
C LYS A 87 14.12 -3.15 14.26
N ARG A 88 13.29 -3.75 15.11
CA ARG A 88 13.40 -5.19 15.33
C ARG A 88 13.11 -5.98 14.06
N PHE A 89 12.17 -5.52 13.24
CA PHE A 89 11.90 -6.21 11.99
C PHE A 89 13.07 -6.07 11.03
N THR A 90 13.53 -4.85 10.81
CA THR A 90 14.63 -4.61 9.87
C THR A 90 15.88 -5.38 10.27
N GLU A 91 16.19 -5.39 11.58
CA GLU A 91 17.35 -6.14 12.07
C GLU A 91 17.19 -7.64 11.81
N ALA A 92 16.04 -8.21 12.16
CA ALA A 92 15.83 -9.64 11.90
C ALA A 92 15.94 -9.95 10.41
N PHE A 93 15.32 -9.11 9.57
CA PHE A 93 15.32 -9.36 8.13
C PHE A 93 16.74 -9.36 7.56
N PHE A 94 17.51 -8.32 7.84
CA PHE A 94 18.82 -8.25 7.22
C PHE A 94 19.85 -9.13 7.94
N GLN A 95 19.56 -9.60 9.15
CA GLN A 95 20.38 -10.63 9.74
C GLN A 95 20.17 -11.96 9.03
N LEU A 96 18.90 -12.32 8.77
CA LEU A 96 18.63 -13.56 8.04
C LEU A 96 19.22 -13.52 6.64
N HIS A 97 19.09 -12.38 5.96
CA HIS A 97 19.59 -12.24 4.59
C HIS A 97 21.09 -11.97 4.54
N ARG A 98 21.75 -11.79 5.69
CA ARG A 98 23.20 -11.56 5.76
C ARG A 98 23.63 -10.33 4.98
N GLN A 99 22.93 -9.22 5.24
CA GLN A 99 23.22 -7.91 4.66
C GLN A 99 23.63 -6.92 5.75
N PRO A 100 24.75 -7.16 6.43
CA PRO A 100 25.08 -6.29 7.59
C PRO A 100 25.26 -4.83 7.22
N THR A 101 25.72 -4.53 5.99
CA THR A 101 25.91 -3.14 5.62
C THR A 101 24.60 -2.37 5.65
N ALA A 102 23.49 -3.03 5.31
CA ALA A 102 22.21 -2.32 5.34
C ALA A 102 21.86 -1.88 6.75
N LEU A 103 22.29 -2.63 7.76
CA LEU A 103 21.98 -2.27 9.13
C LEU A 103 22.90 -1.17 9.67
N VAL A 104 24.14 -1.09 9.17
CA VAL A 104 25.02 0.01 9.56
C VAL A 104 24.49 1.33 9.00
N LYS A 105 24.12 1.35 7.73
CA LYS A 105 23.63 2.58 7.12
C LYS A 105 22.28 2.99 7.72
N ASN A 106 21.44 2.02 8.05
CA ASN A 106 20.18 2.24 8.76
C ASN A 106 19.34 3.33 8.10
N LYS A 107 19.10 3.15 6.79
CA LYS A 107 18.34 4.13 6.03
C LYS A 107 17.22 3.49 5.21
N THR A 108 16.85 2.26 5.54
CA THR A 108 15.86 1.52 4.79
C THR A 108 14.45 1.94 5.22
N MET A 109 13.53 2.05 4.25
CA MET A 109 12.17 2.44 4.58
CA MET A 109 12.17 2.47 4.50
C MET A 109 11.19 1.33 4.21
N LEU A 110 10.14 1.23 5.03
CA LEU A 110 9.20 0.12 4.99
C LEU A 110 7.86 0.53 4.38
N SER A 111 7.29 -0.36 3.55
CA SER A 111 5.97 -0.09 2.96
C SER A 111 5.12 -1.36 2.93
N TYR A 112 3.88 -1.20 2.46
CA TYR A 112 2.91 -2.29 2.53
C TYR A 112 3.27 -3.46 1.62
N ALA A 113 4.02 -3.22 0.54
CA ALA A 113 4.22 -4.25 -0.46
C ALA A 113 5.26 -3.77 -1.46
N ALA A 114 5.91 -4.72 -2.12
CA ALA A 114 6.97 -4.39 -3.08
C ALA A 114 6.47 -3.51 -4.20
N SER A 115 5.20 -3.68 -4.63
CA SER A 115 4.71 -2.78 -5.66
C SER A 115 4.60 -1.35 -5.18
N ILE A 116 4.38 -1.14 -3.89
CA ILE A 116 4.32 0.22 -3.37
C ILE A 116 5.71 0.84 -3.35
N SER A 117 6.72 0.08 -2.91
CA SER A 117 8.10 0.53 -3.04
C SER A 117 8.43 0.87 -4.50
N THR A 118 7.93 0.04 -5.43
CA THR A 118 8.20 0.29 -6.85
C THR A 118 7.55 1.59 -7.30
N MET A 119 6.38 1.92 -6.76
CA MET A 119 5.73 3.17 -7.11
C MET A 119 6.51 4.37 -6.59
N VAL A 120 7.11 4.23 -5.41
CA VAL A 120 8.00 5.29 -4.93
C VAL A 120 9.19 5.46 -5.86
N ALA A 121 9.77 4.34 -6.31
CA ALA A 121 10.85 4.43 -7.30
C ALA A 121 10.34 5.10 -8.57
N GLY A 122 9.13 4.77 -9.00
CA GLY A 122 8.55 5.42 -10.18
C GLY A 122 8.43 6.93 -10.02
N MET A 123 8.03 7.39 -8.83
CA MET A 123 7.94 8.83 -8.60
C MET A 123 9.30 9.49 -8.73
N PHE A 124 10.36 8.81 -8.26
CA PHE A 124 11.70 9.34 -8.40
C PHE A 124 12.12 9.37 -9.86
N LEU A 125 11.91 8.26 -10.57
CA LEU A 125 12.23 8.20 -11.99
C LEU A 125 11.56 9.33 -12.76
N LYS A 126 10.29 9.59 -12.48
CA LYS A 126 9.59 10.65 -13.21
C LYS A 126 10.14 12.02 -12.85
N LYS A 127 10.42 12.25 -11.57
CA LYS A 127 10.97 13.54 -11.15
C LYS A 127 12.28 13.85 -11.86
N GLU A 128 13.11 12.83 -12.06
CA GLU A 128 14.42 13.02 -12.65
C GLU A 128 14.44 12.81 -14.15
N ARG A 129 13.27 12.60 -14.76
CA ARG A 129 13.13 12.40 -16.20
C ARG A 129 13.94 11.20 -16.70
N LEU A 130 13.97 10.14 -15.90
CA LEU A 130 14.75 8.96 -16.23
C LEU A 130 13.86 7.93 -16.93
N ALA A 131 14.35 7.39 -18.03
CA ALA A 131 13.75 6.22 -18.64
C ALA A 131 14.44 4.97 -18.15
N VAL A 132 13.77 3.84 -18.30
CA VAL A 132 14.22 2.59 -17.69
C VAL A 132 14.44 1.53 -18.75
N THR A 133 15.60 0.89 -18.71
CA THR A 133 15.82 -0.38 -19.38
C THR A 133 15.50 -1.50 -18.38
N LEU A 134 14.47 -2.28 -18.69
CA LEU A 134 13.91 -3.24 -17.75
C LEU A 134 14.13 -4.67 -18.26
N ILE A 135 14.47 -5.57 -17.33
CA ILE A 135 14.70 -6.95 -17.68
C ILE A 135 13.46 -7.55 -18.33
N GLU A 136 13.68 -8.44 -19.31
CA GLU A 136 12.61 -9.19 -19.96
C GLU A 136 13.15 -10.61 -20.15
N PRO A 137 12.37 -11.64 -19.81
CA PRO A 137 11.03 -11.56 -19.25
C PRO A 137 11.04 -11.11 -17.79
N CYS A 138 9.91 -10.63 -17.31
CA CYS A 138 9.74 -10.43 -15.88
C CYS A 138 8.24 -10.32 -15.64
N PHE A 139 7.84 -10.44 -14.38
CA PHE A 139 6.41 -10.38 -14.09
C PHE A 139 5.85 -9.04 -14.57
N ASP A 140 4.67 -9.08 -15.19
CA ASP A 140 4.27 -7.95 -16.01
C ASP A 140 3.85 -6.73 -15.20
N ASN A 141 3.48 -6.87 -13.93
CA ASN A 141 3.01 -5.67 -13.24
C ASN A 141 4.15 -4.71 -12.97
N LEU A 142 5.41 -5.17 -13.00
CA LEU A 142 6.53 -4.25 -12.90
C LEU A 142 6.54 -3.28 -14.08
N TYR A 143 6.44 -3.83 -15.29
CA TYR A 143 6.24 -2.97 -16.45
C TYR A 143 4.99 -2.11 -16.30
N ASP A 144 3.87 -2.75 -15.95
CA ASP A 144 2.58 -2.05 -16.00
C ASP A 144 2.56 -0.87 -15.03
N VAL A 145 3.05 -1.06 -13.81
CA VAL A 145 2.93 0.01 -12.82
C VAL A 145 3.85 1.18 -13.18
N LEU A 146 5.03 0.91 -13.75
CA LEU A 146 5.89 1.99 -14.21
C LEU A 146 5.33 2.66 -15.46
N ALA A 147 4.79 1.87 -16.40
CA ALA A 147 4.17 2.45 -17.58
C ALA A 147 2.95 3.28 -17.21
N ASN A 148 2.20 2.84 -16.20
CA ASN A 148 1.05 3.60 -15.75
C ASN A 148 1.45 4.90 -15.07
N MET A 149 2.73 5.07 -14.74
CA MET A 149 3.24 6.34 -14.26
CA MET A 149 3.26 6.34 -14.25
C MET A 149 3.97 7.13 -15.35
N ASP A 150 3.83 6.71 -16.61
CA ASP A 150 4.43 7.36 -17.78
C ASP A 150 5.96 7.30 -17.77
N VAL A 151 6.54 6.28 -17.15
CA VAL A 151 8.00 6.06 -17.25
C VAL A 151 8.28 5.40 -18.58
N PRO A 152 9.14 5.96 -19.44
CA PRO A 152 9.50 5.26 -20.67
C PRO A 152 10.28 3.98 -20.37
N LEU A 153 9.94 2.90 -21.06
CA LEU A 153 10.46 1.56 -20.75
C LEU A 153 10.94 0.87 -22.01
N TYR A 154 12.13 0.26 -21.94
CA TYR A 154 12.76 -0.45 -23.03
C TYR A 154 13.30 -1.78 -22.52
N PRO A 155 13.14 -2.88 -23.25
CA PRO A 155 13.54 -4.19 -22.71
C PRO A 155 15.02 -4.44 -22.84
N ILE A 156 15.51 -5.31 -21.96
CA ILE A 156 16.82 -5.95 -22.14
C ILE A 156 16.65 -7.42 -21.80
N ASP A 157 17.10 -8.30 -22.69
CA ASP A 157 16.85 -9.71 -22.49
C ASP A 157 17.77 -10.27 -21.41
N GLU A 158 17.20 -11.19 -20.60
CA GLU A 158 17.95 -11.82 -19.52
C GLU A 158 19.23 -12.49 -20.01
N SER A 159 19.25 -12.95 -21.26
CA SER A 159 20.42 -13.66 -21.76
C SER A 159 21.66 -12.77 -21.79
N VAL A 160 21.50 -11.46 -21.68
CA VAL A 160 22.64 -10.54 -21.59
C VAL A 160 23.50 -10.86 -20.37
N PHE A 161 22.93 -11.53 -19.38
CA PHE A 161 23.61 -11.79 -18.12
C PHE A 161 24.13 -13.22 -17.99
N TYR A 162 24.00 -14.05 -19.04
CA TYR A 162 24.37 -15.46 -18.90
C TYR A 162 25.88 -15.68 -18.88
N ASP A 163 26.64 -14.87 -19.64
CA ASP A 163 28.09 -15.03 -19.76
C ASP A 163 28.73 -13.86 -19.01
N VAL A 164 29.46 -14.17 -17.93
CA VAL A 164 29.93 -13.10 -17.04
C VAL A 164 30.86 -12.15 -17.76
N ASP A 165 31.66 -12.64 -18.71
CA ASP A 165 32.61 -11.77 -19.37
C ASP A 165 31.99 -10.96 -20.50
N ARG A 166 30.71 -11.15 -20.81
CA ARG A 166 30.02 -10.34 -21.81
C ARG A 166 29.04 -9.35 -21.21
N ILE A 167 28.83 -9.35 -19.88
CA ILE A 167 27.84 -8.48 -19.26
C ILE A 167 28.15 -7.02 -19.55
N TYR A 168 29.37 -6.60 -19.19
CA TYR A 168 29.71 -5.18 -19.35
C TYR A 168 29.64 -4.72 -20.80
N PRO A 169 30.23 -5.41 -21.79
CA PRO A 169 30.11 -4.92 -23.17
C PRO A 169 28.69 -4.98 -23.71
N GLU A 170 27.89 -5.97 -23.30
CA GLU A 170 26.50 -5.99 -23.73
C GLU A 170 25.73 -4.81 -23.16
N LEU A 171 25.96 -4.47 -21.89
CA LEU A 171 25.30 -3.30 -21.32
C LEU A 171 25.73 -2.02 -22.01
N GLU A 172 27.03 -1.90 -22.34
CA GLU A 172 27.51 -0.72 -23.08
C GLU A 172 26.83 -0.60 -24.44
N ARG A 173 26.54 -1.73 -25.08
CA ARG A 173 25.93 -1.68 -26.41
C ARG A 173 24.42 -1.48 -26.35
N ARG A 174 23.77 -1.95 -25.29
CA ARG A 174 22.32 -2.09 -25.28
C ARG A 174 21.59 -1.11 -24.37
N VAL A 175 22.18 -0.70 -23.25
CA VAL A 175 21.49 0.19 -22.32
C VAL A 175 21.64 1.62 -22.83
N ARG A 176 20.53 2.23 -23.24
CA ARG A 176 20.55 3.57 -23.78
C ARG A 176 19.61 4.48 -23.00
N THR A 177 19.29 4.10 -21.78
CA THR A 177 18.55 4.92 -20.82
C THR A 177 19.46 5.25 -19.66
N ASP A 178 19.00 6.12 -18.77
CA ASP A 178 19.83 6.45 -17.63
C ASP A 178 19.48 5.66 -16.39
N ALA A 179 18.53 4.72 -16.48
CA ALA A 179 18.24 3.81 -15.38
C ALA A 179 18.10 2.39 -15.91
N LEU A 180 18.55 1.43 -15.09
CA LEU A 180 18.54 0.00 -15.39
C LEU A 180 17.83 -0.72 -14.25
N PHE A 181 16.79 -1.49 -14.55
CA PHE A 181 15.94 -2.14 -13.54
C PHE A 181 16.09 -3.65 -13.73
N LEU A 182 16.68 -4.32 -12.75
CA LEU A 182 16.84 -5.76 -12.77
C LEU A 182 16.02 -6.41 -11.67
N VAL A 183 15.73 -7.69 -11.86
CA VAL A 183 15.02 -8.51 -10.88
C VAL A 183 15.88 -9.75 -10.66
N ASP A 184 16.40 -9.90 -9.43
CA ASP A 184 17.37 -10.97 -9.20
C ASP A 184 17.21 -11.58 -7.82
N PRO A 185 16.88 -12.88 -7.73
CA PRO A 185 16.63 -13.81 -8.84
C PRO A 185 15.40 -13.43 -9.67
N ASN A 186 15.40 -13.81 -10.94
CA ASN A 186 14.35 -13.33 -11.81
C ASN A 186 13.10 -14.18 -11.68
N ASN A 187 11.95 -13.52 -11.84
CA ASN A 187 10.64 -14.13 -11.92
C ASN A 187 10.19 -13.93 -13.37
N PRO A 188 9.99 -14.98 -14.18
CA PRO A 188 9.69 -16.36 -13.83
C PRO A 188 10.81 -17.39 -13.94
N THR A 189 12.01 -16.99 -14.35
CA THR A 189 13.01 -17.96 -14.75
C THR A 189 13.87 -18.48 -13.61
N GLY A 190 13.90 -17.78 -12.47
CA GLY A 190 14.82 -18.15 -11.42
C GLY A 190 16.27 -17.86 -11.75
N PHE A 191 16.54 -17.11 -12.81
CA PHE A 191 17.92 -16.78 -13.11
C PHE A 191 18.50 -15.86 -12.03
N SER A 192 19.79 -16.02 -11.77
CA SER A 192 20.46 -15.05 -10.89
C SER A 192 21.88 -14.83 -11.35
N LEU A 193 22.31 -13.57 -11.26
CA LEU A 193 23.74 -13.25 -11.37
C LEU A 193 24.60 -13.98 -10.35
N LEU A 194 24.01 -14.52 -9.29
CA LEU A 194 24.80 -15.24 -8.29
C LEU A 194 25.39 -16.53 -8.85
N ARG A 195 24.94 -16.99 -10.02
CA ARG A 195 25.65 -18.06 -10.73
C ARG A 195 27.11 -17.71 -10.96
N HIS A 196 27.43 -16.40 -11.05
CA HIS A 196 28.77 -15.91 -11.27
C HIS A 196 29.49 -15.54 -9.98
N GLY A 197 28.98 -15.98 -8.83
CA GLY A 197 29.57 -15.53 -7.57
C GLY A 197 29.28 -14.06 -7.30
N ARG A 198 30.34 -13.30 -7.02
CA ARG A 198 30.20 -11.84 -6.90
C ARG A 198 30.30 -11.15 -8.25
N LYS A 199 30.92 -11.78 -9.24
CA LYS A 199 31.39 -11.04 -10.41
C LYS A 199 30.25 -10.53 -11.29
N GLY A 200 29.14 -11.27 -11.37
CA GLY A 200 28.04 -10.80 -12.21
C GLY A 200 27.49 -9.48 -11.72
N PHE A 201 27.18 -9.40 -10.43
CA PHE A 201 26.74 -8.15 -9.86
C PHE A 201 27.83 -7.08 -9.93
N GLU A 202 29.09 -7.47 -9.71
CA GLU A 202 30.16 -6.48 -9.80
C GLU A 202 30.24 -5.85 -11.19
N GLU A 203 30.01 -6.65 -12.25
CA GLU A 203 30.08 -6.11 -13.60
C GLU A 203 28.91 -5.19 -13.90
N VAL A 204 27.71 -5.55 -13.43
CA VAL A 204 26.56 -4.66 -13.59
C VAL A 204 26.81 -3.34 -12.86
N VAL A 205 27.33 -3.43 -11.63
CA VAL A 205 27.56 -2.21 -10.86
C VAL A 205 28.67 -1.38 -11.50
N ARG A 206 29.74 -2.03 -11.97
CA ARG A 206 30.80 -1.33 -12.69
C ARG A 206 30.25 -0.57 -13.89
N PHE A 207 29.37 -1.21 -14.68
CA PHE A 207 28.78 -0.51 -15.80
C PHE A 207 28.00 0.71 -15.35
N CYS A 208 27.13 0.54 -14.34
CA CYS A 208 26.25 1.65 -13.96
C CYS A 208 27.04 2.78 -13.35
N LYS A 209 28.05 2.47 -12.54
N LYS A 209 28.05 2.47 -12.54
CA LYS A 209 28.89 3.53 -11.98
CA LYS A 209 28.90 3.52 -11.97
C LYS A 209 29.64 4.26 -13.07
C LYS A 209 29.65 4.25 -13.06
N ASP A 210 30.29 3.51 -13.98
CA ASP A 210 31.08 4.14 -15.04
C ASP A 210 30.25 5.05 -15.92
N HIS A 211 28.99 4.71 -16.15
CA HIS A 211 28.16 5.44 -17.10
C HIS A 211 27.10 6.29 -16.42
N ASP A 212 27.19 6.47 -15.10
CA ASP A 212 26.29 7.37 -14.37
C ASP A 212 24.84 6.94 -14.50
N LYS A 213 24.59 5.64 -14.38
CA LYS A 213 23.24 5.10 -14.44
C LYS A 213 22.71 4.80 -13.05
N LEU A 214 21.40 5.00 -12.90
CA LEU A 214 20.73 4.54 -11.69
C LEU A 214 20.41 3.05 -11.80
N LEU A 215 20.82 2.28 -10.81
CA LEU A 215 20.58 0.84 -10.78
C LEU A 215 19.45 0.55 -9.81
N LEU A 216 18.35 -0.01 -10.34
CA LEU A 216 17.24 -0.47 -9.51
C LEU A 216 17.27 -1.98 -9.51
N ILE A 217 17.14 -2.58 -8.34
CA ILE A 217 17.14 -4.04 -8.24
C ILE A 217 16.01 -4.49 -7.33
N ASP A 218 15.19 -5.41 -7.83
CA ASP A 218 14.14 -6.06 -7.07
C ASP A 218 14.68 -7.40 -6.58
N PHE A 219 14.86 -7.52 -5.26
CA PHE A 219 15.41 -8.72 -4.61
C PHE A 219 14.32 -9.59 -3.99
N CYS A 220 13.07 -9.48 -4.45
CA CYS A 220 11.99 -10.15 -3.74
CA CYS A 220 11.96 -10.15 -3.77
C CYS A 220 12.19 -11.66 -3.66
N PHE A 221 12.87 -12.27 -4.62
CA PHE A 221 13.11 -13.71 -4.60
C PHE A 221 14.45 -14.09 -3.97
N ALA A 222 15.16 -13.15 -3.33
CA ALA A 222 16.50 -13.43 -2.85
C ALA A 222 16.52 -14.40 -1.67
N SER A 223 15.42 -14.51 -0.92
CA SER A 223 15.38 -15.48 0.17
C SER A 223 15.62 -16.90 -0.31
N PHE A 224 15.30 -17.19 -1.57
CA PHE A 224 15.46 -18.55 -2.06
C PHE A 224 16.92 -18.90 -2.37
N THR A 225 17.83 -17.92 -2.27
CA THR A 225 19.26 -18.22 -2.32
C THR A 225 19.85 -18.54 -0.96
N LEU A 226 19.14 -18.22 0.13
CA LEU A 226 19.79 -18.28 1.44
C LEU A 226 20.10 -19.72 1.83
N PHE A 227 21.23 -19.89 2.52
CA PHE A 227 21.75 -21.18 2.98
C PHE A 227 22.16 -22.12 1.84
N GLU A 228 22.13 -21.65 0.60
CA GLU A 228 22.62 -22.45 -0.52
C GLU A 228 24.15 -22.46 -0.50
N PRO A 229 24.77 -23.63 -0.73
CA PRO A 229 26.24 -23.71 -0.63
C PRO A 229 26.98 -22.78 -1.59
N GLU A 230 26.55 -22.69 -2.86
CA GLU A 230 27.24 -21.91 -3.86
C GLU A 230 26.52 -20.62 -4.24
N LEU A 231 25.25 -20.49 -3.90
CA LEU A 231 24.44 -19.40 -4.40
C LEU A 231 24.01 -18.38 -3.35
N ALA A 232 24.32 -18.60 -2.07
CA ALA A 232 23.79 -17.73 -1.03
C ALA A 232 24.26 -16.30 -1.28
N ARG A 233 23.32 -15.37 -1.22
CA ARG A 233 23.63 -13.98 -1.58
C ARG A 233 24.69 -13.42 -0.65
N PHE A 234 25.64 -12.69 -1.23
CA PHE A 234 26.62 -11.94 -0.45
C PHE A 234 26.00 -10.61 -0.02
N ASP A 235 26.77 -9.80 0.69
CA ASP A 235 26.28 -8.50 1.17
C ASP A 235 26.23 -7.54 -0.01
N MET A 236 25.03 -7.40 -0.61
CA MET A 236 24.88 -6.53 -1.76
C MET A 236 25.08 -5.08 -1.39
N TYR A 237 24.72 -4.70 -0.17
CA TYR A 237 24.75 -3.29 0.18
C TYR A 237 26.17 -2.82 0.38
N GLU A 238 27.07 -3.71 0.79
CA GLU A 238 28.49 -3.40 0.80
C GLU A 238 28.97 -3.03 -0.60
N LEU A 239 28.59 -3.83 -1.62
CA LEU A 239 29.01 -3.53 -2.99
C LEU A 239 28.37 -2.24 -3.49
N LEU A 240 27.07 -2.09 -3.29
CA LEU A 240 26.37 -0.88 -3.74
C LEU A 240 26.95 0.37 -3.08
N GLU A 241 27.15 0.33 -1.75
CA GLU A 241 27.72 1.50 -1.06
C GLU A 241 29.15 1.78 -1.51
N ASN A 242 30.02 0.75 -1.50
CA ASN A 242 31.42 0.96 -1.84
C ASN A 242 31.56 1.54 -3.24
N SER A 243 30.74 1.09 -4.17
CA SER A 243 30.87 1.53 -5.56
C SER A 243 30.50 2.98 -5.75
N GLY A 244 29.68 3.54 -4.87
CA GLY A 244 29.14 4.87 -5.07
C GLY A 244 28.07 4.98 -6.12
N VAL A 245 27.57 3.85 -6.64
CA VAL A 245 26.54 3.85 -7.67
C VAL A 245 25.24 4.44 -7.13
N ARG A 246 24.52 5.15 -7.98
CA ARG A 246 23.16 5.54 -7.64
C ARG A 246 22.29 4.31 -7.70
N TYR A 247 21.51 4.06 -6.64
CA TYR A 247 20.75 2.82 -6.60
C TYR A 247 19.47 2.94 -5.77
N LEU A 248 18.53 2.06 -6.11
CA LEU A 248 17.35 1.77 -5.31
C LEU A 248 17.19 0.26 -5.25
N ALA A 249 17.14 -0.29 -4.03
CA ALA A 249 17.08 -1.74 -3.83
C ALA A 249 15.82 -2.07 -3.06
N ILE A 250 15.02 -3.00 -3.60
CA ILE A 250 13.74 -3.37 -3.01
C ILE A 250 13.82 -4.82 -2.51
N GLU A 251 13.43 -5.04 -1.26
CA GLU A 251 13.35 -6.35 -0.63
C GLU A 251 11.91 -6.61 -0.19
N ASP A 252 11.58 -7.88 0.04
CA ASP A 252 10.20 -8.26 0.28
C ASP A 252 10.12 -9.45 1.23
N THR A 253 8.96 -9.55 1.90
CA THR A 253 8.62 -10.72 2.72
C THR A 253 7.54 -11.58 2.10
N GLY A 254 6.75 -11.01 1.18
CA GLY A 254 5.48 -11.62 0.83
C GLY A 254 5.61 -12.91 0.06
N LYS A 255 6.69 -13.09 -0.70
CA LYS A 255 6.86 -14.32 -1.46
C LYS A 255 7.51 -15.43 -0.65
N THR A 256 8.06 -15.10 0.51
CA THR A 256 8.81 -16.08 1.26
C THR A 256 7.94 -16.83 2.25
N TRP A 257 7.13 -16.11 2.99
CA TRP A 257 6.44 -16.68 4.13
C TRP A 257 4.93 -16.76 3.90
N PRO A 258 4.26 -17.76 4.48
CA PRO A 258 2.80 -17.89 4.36
C PRO A 258 2.08 -16.96 5.34
N VAL A 259 2.13 -15.68 5.05
CA VAL A 259 1.58 -14.64 5.92
C VAL A 259 0.31 -14.04 5.33
N GLN A 260 -0.31 -14.71 4.35
CA GLN A 260 -1.59 -14.28 3.77
C GLN A 260 -1.57 -12.83 3.32
N ASP A 261 -0.45 -12.41 2.75
CA ASP A 261 -0.25 -11.07 2.20
C ASP A 261 -0.34 -9.97 3.26
N ALA A 262 -0.22 -10.32 4.53
CA ALA A 262 0.02 -9.34 5.58
C ALA A 262 1.53 -9.18 5.69
N LYS A 263 2.08 -8.23 4.94
CA LYS A 263 3.48 -8.27 4.58
C LYS A 263 4.11 -6.89 4.68
N CYS A 264 5.40 -6.83 4.38
CA CYS A 264 6.19 -5.61 4.42
C CYS A 264 7.25 -5.68 3.32
N ALA A 265 7.43 -4.57 2.59
CA ALA A 265 8.56 -4.45 1.68
C ALA A 265 9.52 -3.39 2.19
N LEU A 266 10.75 -3.44 1.68
CA LEU A 266 11.81 -2.56 2.14
C LEU A 266 12.47 -1.91 0.94
N ILE A 267 12.75 -0.60 1.03
CA ILE A 267 13.50 0.05 -0.04
C ILE A 267 14.68 0.81 0.56
N THR A 268 15.82 0.73 -0.11
CA THR A 268 17.04 1.38 0.33
C THR A 268 17.61 2.14 -0.85
N ALA A 269 18.01 3.39 -0.61
CA ALA A 269 18.51 4.28 -1.64
C ALA A 269 19.96 4.67 -1.35
N SER A 270 20.71 4.95 -2.42
CA SER A 270 22.05 5.50 -2.26
C SER A 270 21.99 6.85 -1.56
N ASP A 271 23.11 7.22 -0.93
CA ASP A 271 23.13 8.41 -0.09
C ASP A 271 22.78 9.67 -0.86
N ASP A 272 23.17 9.75 -2.14
CA ASP A 272 22.99 10.99 -2.89
C ASP A 272 21.55 11.26 -3.28
N ILE A 273 20.69 10.24 -3.26
CA ILE A 273 19.27 10.42 -3.56
C ILE A 273 18.39 10.12 -2.37
N TRP A 274 18.99 9.73 -1.22
CA TRP A 274 18.22 9.28 -0.07
C TRP A 274 17.19 10.31 0.37
N GLU A 275 17.59 11.58 0.47
CA GLU A 275 16.66 12.59 0.97
C GLU A 275 15.45 12.74 0.06
N THR A 276 15.68 12.83 -1.25
CA THR A 276 14.55 12.93 -2.19
C THR A 276 13.63 11.73 -2.06
N VAL A 277 14.20 10.52 -1.99
CA VAL A 277 13.38 9.32 -1.93
C VAL A 277 12.63 9.23 -0.60
N TYR A 278 13.29 9.64 0.49
CA TYR A 278 12.62 9.70 1.80
C TYR A 278 11.36 10.57 1.73
N ASN A 279 11.48 11.76 1.15
CA ASN A 279 10.34 12.67 1.09
C ASN A 279 9.23 12.11 0.21
N LEU A 280 9.58 11.43 -0.89
CA LEU A 280 8.56 10.74 -1.68
C LEU A 280 7.87 9.66 -0.86
N HIS A 281 8.67 8.88 -0.13
CA HIS A 281 8.13 7.75 0.61
C HIS A 281 7.17 8.22 1.70
N THR A 282 7.49 9.33 2.37
CA THR A 282 6.62 9.78 3.45
C THR A 282 5.32 10.36 2.93
N SER A 283 5.24 10.71 1.64
CA SER A 283 3.94 11.11 1.10
C SER A 283 2.99 9.92 0.96
N VAL A 284 3.54 8.70 0.84
CA VAL A 284 2.74 7.50 0.62
C VAL A 284 2.19 6.96 1.93
N LEU A 285 3.03 6.88 2.96
CA LEU A 285 2.56 6.29 4.20
C LEU A 285 3.42 6.77 5.36
N LEU A 286 2.82 6.78 6.54
CA LEU A 286 3.55 7.09 7.77
C LEU A 286 4.25 5.86 8.34
N ASN A 287 3.58 4.71 8.29
CA ASN A 287 4.10 3.53 8.97
C ASN A 287 3.39 2.31 8.45
N VAL A 288 4.11 1.19 8.43
CA VAL A 288 3.47 -0.12 8.36
C VAL A 288 2.95 -0.50 9.75
N SER A 289 1.85 -1.26 9.78
CA SER A 289 1.27 -1.70 11.05
C SER A 289 2.34 -2.29 11.97
N PRO A 290 2.47 -1.81 13.21
CA PRO A 290 3.43 -2.44 14.12
C PRO A 290 3.02 -3.84 14.52
N PHE A 291 1.72 -4.16 14.45
CA PHE A 291 1.27 -5.52 14.67
C PHE A 291 1.79 -6.44 13.57
N VAL A 292 1.61 -6.05 12.32
CA VAL A 292 2.16 -6.82 11.21
C VAL A 292 3.68 -6.94 11.33
N LEU A 293 4.36 -5.84 11.65
CA LEU A 293 5.82 -5.91 11.81
C LEU A 293 6.20 -6.88 12.91
N ASN A 294 5.52 -6.81 14.06
CA ASN A 294 5.77 -7.74 15.15
C ASN A 294 5.61 -9.20 14.69
N MET A 295 4.51 -9.49 14.00
CA MET A 295 4.24 -10.82 13.49
C MET A 295 5.31 -11.28 12.50
N LEU A 296 5.64 -10.43 11.52
CA LEU A 296 6.63 -10.81 10.51
C LEU A 296 7.98 -11.10 11.15
N THR A 297 8.35 -10.33 12.18
CA THR A 297 9.59 -10.58 12.90
C THR A 297 9.61 -11.99 13.45
N GLN A 298 8.46 -12.48 13.92
CA GLN A 298 8.41 -13.86 14.42
C GLN A 298 8.70 -14.86 13.30
N TYR A 299 8.15 -14.62 12.09
CA TYR A 299 8.39 -15.52 10.97
C TYR A 299 9.85 -15.51 10.56
N VAL A 300 10.46 -14.32 10.52
CA VAL A 300 11.87 -14.23 10.14
C VAL A 300 12.74 -14.98 11.12
N ARG A 301 12.49 -14.78 12.42
CA ARG A 301 13.27 -15.46 13.46
C ARG A 301 13.06 -16.96 13.39
N ASP A 302 11.82 -17.38 13.15
CA ASP A 302 11.50 -18.80 13.03
C ASP A 302 12.29 -19.45 11.90
N SER A 303 12.41 -18.75 10.76
CA SER A 303 13.14 -19.28 9.62
C SER A 303 14.66 -19.21 9.81
N ALA A 304 15.14 -18.25 10.61
CA ALA A 304 16.54 -18.30 11.02
C ALA A 304 16.83 -19.57 11.79
N ALA A 305 15.88 -20.01 12.62
CA ALA A 305 16.10 -21.15 13.48
C ALA A 305 16.10 -22.45 12.70
N ASP A 306 15.31 -22.55 11.64
CA ASP A 306 15.28 -23.79 10.85
C ASP A 306 15.96 -23.63 9.50
N ARG A 307 16.72 -22.55 9.29
CA ARG A 307 17.47 -22.33 8.06
C ARG A 307 16.56 -22.43 6.83
N LEU A 308 15.36 -21.85 6.97
CA LEU A 308 14.34 -21.78 5.93
C LEU A 308 13.86 -23.15 5.47
N ALA A 309 14.01 -24.17 6.32
CA ALA A 309 13.58 -25.53 5.95
C ALA A 309 12.11 -25.58 5.59
N SER A 310 11.26 -24.92 6.37
CA SER A 310 9.82 -25.07 6.14
C SER A 310 9.38 -24.38 4.85
N VAL A 311 10.11 -23.34 4.44
CA VAL A 311 9.86 -22.75 3.12
C VAL A 311 10.41 -23.65 2.03
N ARG A 312 11.68 -24.05 2.14
CA ARG A 312 12.34 -24.79 1.07
C ARG A 312 11.72 -26.16 0.84
N GLU A 313 11.28 -26.83 1.92
CA GLU A 313 10.85 -28.21 1.78
C GLU A 313 9.56 -28.33 0.97
N VAL A 314 8.63 -27.38 1.15
CA VAL A 314 7.39 -27.41 0.39
C VAL A 314 7.68 -27.18 -1.09
N LEU A 315 8.51 -26.18 -1.38
CA LEU A 315 8.84 -25.89 -2.78
C LEU A 315 9.53 -27.08 -3.44
N THR A 316 10.46 -27.72 -2.75
CA THR A 316 11.17 -28.87 -3.31
C THR A 316 10.21 -30.01 -3.63
N ARG A 317 9.25 -30.28 -2.74
CA ARG A 317 8.32 -31.37 -2.99
C ARG A 317 7.44 -31.09 -4.21
N ASN A 318 6.96 -29.85 -4.35
CA ASN A 318 6.14 -29.53 -5.50
C ASN A 318 6.96 -29.43 -6.78
N ARG A 319 8.15 -28.82 -6.69
CA ARG A 319 9.04 -28.74 -7.86
C ARG A 319 9.37 -30.12 -8.38
N GLU A 320 9.76 -31.03 -7.49
CA GLU A 320 10.08 -32.39 -7.91
C GLU A 320 8.85 -33.11 -8.46
N CYS A 321 7.68 -32.87 -7.85
CA CYS A 321 6.47 -33.53 -8.34
C CYS A 321 6.11 -33.03 -9.74
N ALA A 322 6.27 -31.72 -9.98
CA ALA A 322 6.04 -31.17 -11.31
C ALA A 322 7.03 -31.75 -12.33
N ARG A 323 8.32 -31.79 -11.97
CA ARG A 323 9.33 -32.27 -12.92
C ARG A 323 9.08 -33.74 -13.28
N LYS A 324 8.81 -34.56 -12.28
CA LYS A 324 8.61 -35.99 -12.54
C LYS A 324 7.33 -36.22 -13.33
N THR A 325 6.27 -35.48 -13.03
CA THR A 325 4.99 -35.70 -13.70
C THR A 325 5.05 -35.27 -15.16
N LEU A 326 5.76 -34.18 -15.46
CA LEU A 326 5.75 -33.58 -16.77
C LEU A 326 6.99 -33.91 -17.60
N ASP A 327 7.93 -34.67 -17.06
CA ASP A 327 9.08 -35.11 -17.83
C ASP A 327 8.60 -35.90 -19.04
N GLY A 328 9.06 -35.48 -20.23
CA GLY A 328 8.64 -36.12 -21.46
C GLY A 328 7.31 -35.65 -22.01
N SER A 329 6.67 -34.68 -21.36
CA SER A 329 5.40 -34.15 -21.83
C SER A 329 5.63 -32.97 -22.78
N ILE A 330 4.54 -32.37 -23.25
CA ILE A 330 4.66 -31.19 -24.10
C ILE A 330 5.08 -29.95 -23.32
N LEU A 331 5.12 -30.04 -21.99
CA LEU A 331 5.62 -28.97 -21.13
C LEU A 331 7.04 -29.32 -20.71
N GLU A 332 8.00 -28.59 -21.25
CA GLU A 332 9.42 -28.85 -21.03
C GLU A 332 9.92 -27.98 -19.88
N TYR A 333 10.25 -28.62 -18.77
CA TYR A 333 10.77 -27.93 -17.59
C TYR A 333 12.05 -27.17 -17.93
N GLN A 334 12.14 -25.92 -17.46
CA GLN A 334 13.32 -25.08 -17.62
C GLN A 334 14.03 -24.93 -16.28
N GLU A 335 15.13 -25.65 -16.11
CA GLU A 335 15.83 -25.67 -14.83
C GLU A 335 16.29 -24.27 -14.45
N PRO A 336 15.96 -23.78 -13.26
CA PRO A 336 16.35 -22.43 -12.84
C PRO A 336 17.70 -22.42 -12.16
N VAL A 337 18.35 -21.25 -12.22
CA VAL A 337 19.58 -21.08 -11.43
C VAL A 337 19.26 -21.21 -9.95
N VAL A 338 18.19 -20.54 -9.51
CA VAL A 338 17.80 -20.49 -8.11
C VAL A 338 16.47 -21.22 -7.95
N LYS A 339 16.35 -22.00 -6.87
CA LYS A 339 15.11 -22.71 -6.55
C LYS A 339 14.04 -21.76 -6.03
N VAL A 340 13.51 -20.92 -6.92
CA VAL A 340 12.46 -19.97 -6.56
C VAL A 340 11.11 -20.66 -6.47
N SER A 341 10.07 -19.90 -6.11
CA SER A 341 8.76 -20.45 -5.83
C SER A 341 7.89 -20.57 -7.07
N VAL A 342 8.46 -20.46 -8.27
CA VAL A 342 7.72 -20.62 -9.50
C VAL A 342 8.51 -21.51 -10.44
N ALA A 343 7.80 -22.23 -11.30
CA ALA A 343 8.41 -23.11 -12.27
C ALA A 343 8.04 -22.65 -13.67
N TRP A 344 8.99 -22.74 -14.59
CA TRP A 344 8.91 -22.17 -15.93
C TRP A 344 9.04 -23.30 -16.94
N PHE A 345 8.10 -23.38 -17.88
CA PHE A 345 8.03 -24.47 -18.84
C PHE A 345 7.96 -23.91 -20.24
N ARG A 346 8.64 -24.57 -21.18
CA ARG A 346 8.48 -24.28 -22.59
C ARG A 346 7.55 -25.30 -23.22
N VAL A 347 6.66 -24.82 -24.09
CA VAL A 347 5.73 -25.69 -24.79
C VAL A 347 6.44 -26.30 -25.99
N ASP A 348 6.60 -27.63 -25.97
CA ASP A 348 7.25 -28.37 -27.04
C ASP A 348 6.16 -29.06 -27.86
N HIS A 349 5.64 -28.34 -28.86
CA HIS A 349 4.61 -28.90 -29.72
C HIS A 349 4.63 -28.16 -31.05
N PRO A 350 4.38 -28.85 -32.18
CA PRO A 350 4.44 -28.16 -33.48
C PRO A 350 3.32 -27.16 -33.68
N GLU A 351 2.17 -27.34 -33.03
CA GLU A 351 1.01 -26.50 -33.29
C GLU A 351 0.48 -25.80 -32.04
N LEU A 352 0.49 -26.47 -30.89
CA LEU A 352 -0.07 -25.88 -29.68
C LEU A 352 0.83 -24.77 -29.15
N THR A 353 0.20 -23.68 -28.71
CA THR A 353 0.90 -22.59 -28.06
C THR A 353 0.61 -22.62 -26.56
N ALA A 354 1.24 -21.70 -25.84
CA ALA A 354 0.94 -21.55 -24.42
C ALA A 354 -0.50 -21.11 -24.20
N THR A 355 -1.03 -20.28 -25.11
CA THR A 355 -2.43 -19.89 -25.02
C THR A 355 -3.34 -21.10 -25.11
N ASP A 356 -3.02 -22.04 -26.00
CA ASP A 356 -3.82 -23.25 -26.12
C ASP A 356 -3.69 -24.13 -24.87
N VAL A 357 -2.47 -24.27 -24.34
CA VAL A 357 -2.27 -25.10 -23.15
C VAL A 357 -3.02 -24.50 -21.96
N HIS A 358 -2.91 -23.17 -21.78
CA HIS A 358 -3.64 -22.50 -20.72
C HIS A 358 -5.15 -22.75 -20.84
N ARG A 359 -5.68 -22.65 -22.06
CA ARG A 359 -7.10 -22.89 -22.29
C ARG A 359 -7.47 -24.34 -21.99
N LEU A 360 -6.66 -25.29 -22.48
CA LEU A 360 -6.98 -26.70 -22.26
C LEU A 360 -6.95 -27.05 -20.79
N LEU A 361 -5.96 -26.55 -20.05
CA LEU A 361 -5.84 -26.87 -18.63
C LEU A 361 -6.95 -26.22 -17.81
N SER A 362 -7.25 -24.95 -18.09
CA SER A 362 -8.29 -24.27 -17.32
C SER A 362 -9.65 -24.89 -17.54
N ALA A 363 -9.91 -25.39 -18.75
CA ALA A 363 -11.18 -26.09 -19.01
C ALA A 363 -11.37 -27.26 -18.07
N ASP A 364 -10.27 -27.87 -17.62
CA ASP A 364 -10.32 -28.98 -16.69
C ASP A 364 -10.01 -28.56 -15.25
N GLY A 365 -9.90 -27.26 -14.99
CA GLY A 365 -9.80 -26.76 -13.64
C GLY A 365 -8.42 -26.45 -13.12
N VAL A 366 -7.38 -26.52 -13.96
CA VAL A 366 -6.02 -26.17 -13.56
C VAL A 366 -5.67 -24.84 -14.20
N TYR A 367 -5.28 -23.86 -13.37
CA TYR A 367 -5.00 -22.51 -13.84
C TYR A 367 -3.51 -22.21 -13.70
N VAL A 368 -2.84 -22.07 -14.85
CA VAL A 368 -1.44 -21.64 -14.92
C VAL A 368 -1.42 -20.26 -15.55
N LEU A 369 -0.24 -19.66 -15.65
CA LEU A 369 -0.14 -18.37 -16.31
C LEU A 369 0.53 -18.51 -17.66
N PRO A 370 -0.09 -18.04 -18.74
CA PRO A 370 0.60 -18.07 -20.03
C PRO A 370 1.77 -17.11 -20.04
N GLY A 371 2.83 -17.50 -20.75
CA GLY A 371 4.07 -16.75 -20.72
C GLY A 371 4.02 -15.41 -21.42
N ARG A 372 2.97 -15.14 -22.21
CA ARG A 372 2.97 -13.96 -23.06
C ARG A 372 3.13 -12.68 -22.25
N TYR A 373 2.49 -12.61 -21.08
CA TYR A 373 2.54 -11.39 -20.31
C TYR A 373 3.92 -11.12 -19.72
N PHE A 374 4.75 -12.16 -19.52
CA PHE A 374 6.09 -11.95 -18.99
C PHE A 374 7.02 -11.33 -20.03
N TYR A 375 6.70 -11.46 -21.31
CA TYR A 375 7.45 -10.77 -22.36
C TYR A 375 6.68 -9.50 -22.68
N TRP A 376 6.81 -8.52 -21.78
CA TRP A 376 5.94 -7.36 -21.75
C TRP A 376 6.17 -6.41 -22.92
N SER A 377 7.35 -6.44 -23.53
CA SER A 377 7.63 -5.59 -24.68
C SER A 377 7.08 -6.16 -25.98
N GLU A 378 6.85 -7.46 -26.04
CA GLU A 378 6.40 -8.17 -27.23
C GLU A 378 5.79 -9.50 -26.79
N PRO A 379 4.52 -9.49 -26.37
CA PRO A 379 3.94 -10.70 -25.74
C PRO A 379 4.02 -11.95 -26.59
N SER A 380 4.05 -11.82 -27.92
CA SER A 380 4.11 -13.00 -28.78
C SER A 380 5.35 -13.84 -28.50
N LYS A 381 6.41 -13.22 -27.97
CA LYS A 381 7.61 -13.98 -27.62
C LYS A 381 7.32 -14.97 -26.50
N GLY A 382 6.32 -14.69 -25.68
CA GLY A 382 6.01 -15.58 -24.58
C GLY A 382 4.99 -16.64 -24.88
N ASP A 383 4.48 -16.72 -26.11
CA ASP A 383 3.47 -17.71 -26.44
C ASP A 383 4.01 -19.13 -26.44
N ALA A 384 5.28 -19.32 -26.08
CA ALA A 384 5.88 -20.66 -26.00
C ALA A 384 6.23 -21.04 -24.56
N TYR A 385 5.67 -20.35 -23.57
CA TYR A 385 6.04 -20.60 -22.18
C TYR A 385 4.83 -20.57 -21.27
N VAL A 386 4.95 -21.28 -20.15
CA VAL A 386 3.94 -21.36 -19.12
C VAL A 386 4.63 -21.26 -17.76
N ARG A 387 4.03 -20.53 -16.82
CA ARG A 387 4.54 -20.47 -15.46
C ARG A 387 3.54 -21.12 -14.50
N MET A 388 4.06 -21.94 -13.59
CA MET A 388 3.26 -22.55 -12.53
C MET A 388 3.80 -22.14 -11.16
N ALA A 389 2.89 -21.82 -10.25
CA ALA A 389 3.26 -21.46 -8.89
C ALA A 389 3.48 -22.71 -8.06
N LEU A 390 4.52 -22.68 -7.22
CA LEU A 390 4.86 -23.82 -6.37
C LEU A 390 4.56 -23.62 -4.89
N ALA A 391 4.26 -22.39 -4.45
CA ALA A 391 3.99 -22.13 -3.04
C ALA A 391 2.56 -22.56 -2.75
N ARG A 392 2.39 -23.88 -2.63
CA ARG A 392 1.08 -24.50 -2.58
C ARG A 392 1.11 -25.69 -1.63
N GLU A 393 -0.05 -26.04 -1.11
CA GLU A 393 -0.18 -27.25 -0.32
C GLU A 393 0.18 -28.45 -1.19
N PRO A 394 1.08 -29.33 -0.73
CA PRO A 394 1.55 -30.42 -1.62
C PRO A 394 0.47 -31.39 -2.06
N GLU A 395 -0.51 -31.70 -1.21
CA GLU A 395 -1.59 -32.59 -1.63
C GLU A 395 -2.35 -32.00 -2.80
N MET A 396 -2.84 -30.76 -2.66
CA MET A 396 -3.50 -30.10 -3.78
C MET A 396 -2.60 -30.05 -5.00
N PHE A 397 -1.31 -29.75 -4.81
CA PHE A 397 -0.42 -29.62 -5.95
C PHE A 397 -0.23 -30.96 -6.66
N ALA A 398 -0.11 -32.05 -5.89
CA ALA A 398 0.07 -33.36 -6.51
C ALA A 398 -1.15 -33.77 -7.32
N ASP A 399 -2.35 -33.43 -6.83
CA ASP A 399 -3.56 -33.70 -7.59
C ASP A 399 -3.67 -32.79 -8.81
N ALA A 400 -3.17 -31.56 -8.73
CA ALA A 400 -3.16 -30.69 -9.90
C ALA A 400 -2.23 -31.25 -10.98
N MET A 401 -1.11 -31.84 -10.58
CA MET A 401 -0.18 -32.40 -11.57
C MET A 401 -0.75 -33.64 -12.23
N ALA A 402 -1.47 -34.47 -11.47
CA ALA A 402 -2.09 -35.65 -12.06
C ALA A 402 -3.12 -35.25 -13.11
N LEU A 403 -3.95 -34.24 -12.80
CA LEU A 403 -4.92 -33.75 -13.77
C LEU A 403 -4.23 -33.10 -14.96
N THR A 404 -3.16 -32.34 -14.70
CA THR A 404 -2.42 -31.72 -15.80
C THR A 404 -1.89 -32.76 -16.77
N ARG A 405 -1.25 -33.82 -16.24
CA ARG A 405 -0.70 -34.87 -17.09
C ARG A 405 -1.80 -35.55 -17.90
N GLN A 406 -2.99 -35.71 -17.32
CA GLN A 406 -4.10 -36.31 -18.04
C GLN A 406 -4.54 -35.46 -19.22
N VAL A 407 -4.59 -34.14 -19.02
CA VAL A 407 -4.99 -33.24 -20.11
C VAL A 407 -3.95 -33.27 -21.23
N LEU A 408 -2.67 -33.17 -20.87
CA LEU A 408 -1.61 -33.14 -21.88
C LEU A 408 -1.50 -34.45 -22.63
N ASP A 409 -1.92 -35.56 -22.04
CA ASP A 409 -2.02 -36.83 -22.74
C ASP A 409 -3.19 -36.85 -23.72
N ARG A 410 -3.67 -35.68 -24.13
CA ARG A 410 -4.77 -35.49 -25.07
C ARG A 410 -6.00 -36.27 -24.63
N LEU B 34 10.06 18.36 4.09
CA LEU B 34 9.28 18.22 5.33
C LEU B 34 7.79 18.36 5.06
N ASP B 35 7.00 17.60 5.81
CA ASP B 35 5.55 17.64 5.70
C ASP B 35 4.99 17.08 7.00
N LEU B 36 3.67 16.86 7.04
CA LEU B 36 3.02 16.47 8.29
C LEU B 36 3.39 15.05 8.70
N THR B 37 3.57 14.15 7.72
CA THR B 37 3.94 12.78 8.03
C THR B 37 5.29 12.74 8.75
N GLN B 38 6.22 13.61 8.37
CA GLN B 38 7.51 13.64 9.06
C GLN B 38 7.36 14.20 10.47
N HIS B 39 6.48 15.19 10.65
CA HIS B 39 6.12 15.61 12.00
C HIS B 39 5.56 14.44 12.79
N GLU B 40 4.76 13.59 12.14
CA GLU B 40 4.14 12.47 12.84
C GLU B 40 5.15 11.37 13.18
N ILE B 41 6.17 11.18 12.33
CA ILE B 41 7.23 10.22 12.64
C ILE B 41 7.89 10.58 13.97
N GLN B 42 8.20 11.87 14.16
CA GLN B 42 8.80 12.31 15.41
C GLN B 42 7.84 12.11 16.58
N ALA B 43 6.57 12.45 16.38
CA ALA B 43 5.60 12.38 17.46
C ALA B 43 5.40 10.95 17.95
N LEU B 44 5.57 9.97 17.06
CA LEU B 44 5.40 8.57 17.44
C LEU B 44 6.43 8.12 18.48
N THR B 45 7.51 8.88 18.66
CA THR B 45 8.52 8.55 19.66
C THR B 45 8.23 9.16 21.02
N MET B 46 7.20 10.00 21.13
CA MET B 46 6.97 10.81 22.32
C MET B 46 5.81 10.28 23.14
N LYS B 47 5.81 10.65 24.42
CA LYS B 47 4.77 10.19 25.33
C LYS B 47 3.42 10.81 24.97
N TYR B 48 3.38 12.12 24.78
CA TYR B 48 2.12 12.80 24.46
C TYR B 48 2.10 13.16 22.97
N ASN B 49 1.88 12.11 22.18
CA ASN B 49 1.73 12.22 20.72
C ASN B 49 0.28 12.56 20.43
N LEU B 50 0.02 13.84 20.13
CA LEU B 50 -1.28 14.30 19.67
C LEU B 50 -1.20 14.75 18.21
N ALA B 51 -0.31 14.13 17.45
CA ALA B 51 -0.06 14.56 16.08
C ALA B 51 -0.87 13.74 15.08
N ASP B 52 -0.48 12.49 14.83
CA ASP B 52 -1.09 11.74 13.74
C ASP B 52 -2.53 11.37 14.09
N ALA B 53 -3.41 11.45 13.08
CA ALA B 53 -4.81 11.12 13.30
C ALA B 53 -5.04 9.63 13.41
N HIS B 54 -4.02 8.81 13.16
CA HIS B 54 -4.16 7.37 13.27
C HIS B 54 -4.66 7.00 14.66
N THR B 55 -5.31 5.86 14.75
CA THR B 55 -6.00 5.48 15.98
C THR B 55 -5.03 4.83 16.96
N HIS B 56 -4.97 5.38 18.18
CA HIS B 56 -4.11 4.82 19.22
C HIS B 56 -4.84 4.56 20.53
N GLN B 57 -6.17 4.66 20.55
CA GLN B 57 -6.90 4.22 21.73
C GLN B 57 -6.86 2.70 21.81
N ARG B 58 -7.17 2.18 23.00
CA ARG B 58 -7.10 0.75 23.25
C ARG B 58 -8.42 0.08 22.84
N GLN B 59 -8.45 -1.25 22.97
CA GLN B 59 -9.58 -2.05 22.52
C GLN B 59 -10.71 -1.98 23.55
N SER B 60 -11.93 -1.79 23.06
CA SER B 60 -13.11 -1.95 23.89
C SER B 60 -13.22 -3.40 24.37
N ALA B 61 -14.10 -3.62 25.34
CA ALA B 61 -14.30 -4.97 25.85
C ALA B 61 -14.67 -5.93 24.73
N SER B 62 -15.57 -5.53 23.83
CA SER B 62 -15.97 -6.43 22.75
C SER B 62 -14.92 -6.49 21.65
N GLN B 63 -14.14 -5.43 21.44
CA GLN B 63 -13.05 -5.52 20.47
C GLN B 63 -11.96 -6.47 20.96
N GLN B 64 -11.78 -6.59 22.28
CA GLN B 64 -10.84 -7.56 22.82
C GLN B 64 -11.23 -8.98 22.46
N SER B 65 -12.53 -9.23 22.28
CA SER B 65 -12.95 -10.57 21.86
C SER B 65 -12.60 -10.84 20.40
N ILE B 66 -12.49 -9.79 19.58
CA ILE B 66 -11.95 -9.98 18.23
C ILE B 66 -10.46 -10.33 18.31
N VAL B 67 -9.70 -9.56 19.08
CA VAL B 67 -8.26 -9.81 19.20
C VAL B 67 -8.02 -11.23 19.70
N SER B 68 -8.83 -11.70 20.66
CA SER B 68 -8.63 -13.04 21.19
CA SER B 68 -8.61 -13.04 21.19
C SER B 68 -8.88 -14.12 20.14
N ARG B 69 -9.66 -13.81 19.10
CA ARG B 69 -9.97 -14.77 18.05
C ARG B 69 -9.12 -14.62 16.80
N LEU B 70 -8.03 -13.83 16.85
CA LEU B 70 -7.19 -13.72 15.67
C LEU B 70 -6.70 -15.07 15.16
N PRO B 71 -6.33 -16.07 15.99
CA PRO B 71 -5.96 -17.37 15.42
C PRO B 71 -7.06 -17.99 14.58
N GLN B 72 -8.30 -17.97 15.08
CA GLN B 72 -9.45 -18.46 14.32
C GLN B 72 -9.60 -17.69 13.01
N LEU B 73 -9.54 -16.36 13.07
CA LEU B 73 -9.70 -15.54 11.88
C LEU B 73 -8.59 -15.83 10.86
N TRP B 74 -7.40 -16.15 11.35
CA TRP B 74 -6.30 -16.52 10.48
C TRP B 74 -6.62 -17.80 9.70
N TYR B 75 -7.05 -18.83 10.42
CA TYR B 75 -7.30 -20.11 9.74
C TYR B 75 -8.48 -20.02 8.79
N GLU B 76 -9.50 -19.22 9.12
CA GLU B 76 -10.62 -19.03 8.22
C GLU B 76 -10.14 -18.47 6.88
N ALA B 77 -9.37 -17.39 6.92
CA ALA B 77 -8.88 -16.79 5.69
C ALA B 77 -7.93 -17.72 4.96
N GLU B 78 -7.21 -18.56 5.70
CA GLU B 78 -6.23 -19.44 5.08
C GLU B 78 -6.91 -20.52 4.25
N GLU B 79 -8.02 -21.04 4.75
CA GLU B 79 -8.74 -22.10 4.06
C GLU B 79 -9.81 -21.58 3.11
N GLY B 80 -10.25 -20.32 3.27
CA GLY B 80 -11.32 -19.78 2.47
C GLY B 80 -10.83 -19.09 1.20
N LEU B 81 -11.79 -18.64 0.41
CA LEU B 81 -11.51 -17.98 -0.87
C LEU B 81 -11.32 -16.49 -0.68
N GLN B 82 -10.35 -15.93 -1.42
CA GLN B 82 -10.09 -14.50 -1.34
C GLN B 82 -11.35 -13.68 -1.58
N ALA B 83 -12.12 -14.05 -2.62
CA ALA B 83 -13.31 -13.27 -2.97
C ALA B 83 -14.36 -13.33 -1.87
N THR B 84 -14.37 -14.39 -1.06
CA THR B 84 -15.30 -14.47 0.05
C THR B 84 -15.05 -13.36 1.07
N TYR B 85 -13.79 -13.14 1.41
CA TYR B 85 -13.47 -12.14 2.42
C TYR B 85 -13.57 -10.73 1.87
N GLU B 86 -13.31 -10.55 0.58
CA GLU B 86 -13.56 -9.26 -0.06
C GLU B 86 -15.05 -8.93 -0.05
N LYS B 87 -15.88 -9.91 -0.39
CA LYS B 87 -17.32 -9.67 -0.46
C LYS B 87 -17.89 -9.39 0.92
N ARG B 88 -17.52 -10.20 1.92
CA ARG B 88 -18.07 -10.01 3.26
C ARG B 88 -17.64 -8.68 3.85
N PHE B 89 -16.39 -8.28 3.61
CA PHE B 89 -15.94 -6.98 4.11
C PHE B 89 -16.69 -5.84 3.43
N THR B 90 -16.80 -5.89 2.10
CA THR B 90 -17.44 -4.80 1.39
C THR B 90 -18.90 -4.69 1.79
N GLU B 91 -19.57 -5.83 1.99
CA GLU B 91 -20.97 -5.82 2.41
C GLU B 91 -21.11 -5.23 3.80
N ALA B 92 -20.29 -5.69 4.76
CA ALA B 92 -20.35 -5.13 6.11
C ALA B 92 -20.09 -3.63 6.10
N PHE B 93 -19.09 -3.19 5.35
CA PHE B 93 -18.70 -1.79 5.34
C PHE B 93 -19.83 -0.91 4.80
N PHE B 94 -20.35 -1.24 3.62
CA PHE B 94 -21.38 -0.38 3.05
C PHE B 94 -22.76 -0.60 3.68
N GLN B 95 -22.97 -1.68 4.44
CA GLN B 95 -24.17 -1.77 5.26
C GLN B 95 -24.08 -0.80 6.44
N LEU B 96 -22.94 -0.78 7.13
CA LEU B 96 -22.76 0.15 8.24
C LEU B 96 -22.88 1.59 7.77
N HIS B 97 -22.29 1.90 6.62
CA HIS B 97 -22.30 3.25 6.10
C HIS B 97 -23.57 3.61 5.35
N ARG B 98 -24.50 2.65 5.19
CA ARG B 98 -25.81 2.88 4.56
C ARG B 98 -25.64 3.42 3.14
N GLN B 99 -24.82 2.74 2.36
CA GLN B 99 -24.59 3.02 0.94
C GLN B 99 -25.04 1.83 0.09
N PRO B 100 -26.34 1.50 0.07
CA PRO B 100 -26.74 0.27 -0.64
C PRO B 100 -26.46 0.32 -2.14
N THR B 101 -26.44 1.50 -2.76
CA THR B 101 -26.16 1.57 -4.19
C THR B 101 -24.78 1.03 -4.51
N ALA B 102 -23.80 1.27 -3.63
CA ALA B 102 -22.47 0.74 -3.87
C ALA B 102 -22.47 -0.79 -3.92
N LEU B 103 -23.34 -1.43 -3.15
CA LEU B 103 -23.37 -2.89 -3.17
C LEU B 103 -24.12 -3.42 -4.39
N VAL B 104 -25.12 -2.69 -4.87
CA VAL B 104 -25.78 -3.09 -6.11
C VAL B 104 -24.81 -3.01 -7.29
N LYS B 105 -24.08 -1.90 -7.39
CA LYS B 105 -23.13 -1.74 -8.51
C LYS B 105 -21.99 -2.73 -8.42
N ASN B 106 -21.55 -3.06 -7.20
CA ASN B 106 -20.51 -4.06 -6.93
C ASN B 106 -19.29 -3.91 -7.85
N LYS B 107 -18.71 -2.70 -7.83
CA LYS B 107 -17.54 -2.39 -8.65
C LYS B 107 -16.42 -1.74 -7.84
N THR B 108 -16.48 -1.84 -6.51
CA THR B 108 -15.52 -1.21 -5.62
C THR B 108 -14.25 -2.06 -5.50
N MET B 109 -13.10 -1.39 -5.48
CA MET B 109 -11.81 -2.08 -5.41
CA MET B 109 -11.81 -2.08 -5.41
C MET B 109 -11.12 -1.76 -4.09
N LEU B 110 -10.45 -2.76 -3.50
CA LEU B 110 -9.84 -2.68 -2.19
C LEU B 110 -8.32 -2.54 -2.28
N SER B 111 -7.77 -1.72 -1.38
CA SER B 111 -6.32 -1.50 -1.33
C SER B 111 -5.83 -1.36 0.10
N TYR B 112 -4.50 -1.29 0.25
CA TYR B 112 -3.89 -1.31 1.59
C TYR B 112 -4.22 -0.09 2.43
N ALA B 113 -4.54 1.04 1.81
CA ALA B 113 -4.65 2.29 2.54
C ALA B 113 -5.20 3.35 1.62
N ALA B 114 -5.84 4.36 2.22
CA ALA B 114 -6.43 5.45 1.45
C ALA B 114 -5.40 6.14 0.56
N SER B 115 -4.16 6.27 1.01
CA SER B 115 -3.15 6.90 0.17
C SER B 115 -2.87 6.07 -1.08
N ILE B 116 -3.01 4.74 -0.98
CA ILE B 116 -2.80 3.89 -2.16
C ILE B 116 -3.95 4.10 -3.15
N SER B 117 -5.19 4.14 -2.65
CA SER B 117 -6.32 4.50 -3.51
C SER B 117 -6.11 5.84 -4.18
N THR B 118 -5.56 6.80 -3.42
CA THR B 118 -5.29 8.13 -3.96
C THR B 118 -4.26 8.09 -5.07
N MET B 119 -3.22 7.25 -4.93
CA MET B 119 -2.25 7.11 -6.01
C MET B 119 -2.86 6.51 -7.26
N VAL B 120 -3.83 5.60 -7.12
CA VAL B 120 -4.53 5.10 -8.29
C VAL B 120 -5.29 6.23 -8.97
N ALA B 121 -5.99 7.04 -8.17
CA ALA B 121 -6.66 8.23 -8.73
C ALA B 121 -5.65 9.16 -9.38
N GLY B 122 -4.49 9.35 -8.74
CA GLY B 122 -3.44 10.15 -9.35
C GLY B 122 -2.99 9.63 -10.69
N MET B 123 -2.86 8.31 -10.83
CA MET B 123 -2.47 7.74 -12.12
C MET B 123 -3.54 8.01 -13.17
N PHE B 124 -4.82 7.98 -12.79
CA PHE B 124 -5.87 8.33 -13.73
C PHE B 124 -5.77 9.80 -14.15
N LEU B 125 -5.60 10.70 -13.16
CA LEU B 125 -5.45 12.13 -13.45
C LEU B 125 -4.27 12.37 -14.37
N LYS B 126 -3.17 11.67 -14.15
CA LYS B 126 -2.01 11.87 -15.01
C LYS B 126 -2.27 11.35 -16.41
N LYS B 127 -2.91 10.18 -16.54
CA LYS B 127 -3.18 9.64 -17.86
CA LYS B 127 -3.21 9.63 -17.86
C LYS B 127 -4.06 10.58 -18.68
N GLU B 128 -5.02 11.25 -18.03
CA GLU B 128 -5.91 12.18 -18.72
C GLU B 128 -5.35 13.60 -18.77
N ARG B 129 -4.20 13.83 -18.14
CA ARG B 129 -3.49 15.13 -18.17
C ARG B 129 -4.38 16.25 -17.61
N LEU B 130 -5.09 15.94 -16.53
CA LEU B 130 -6.04 16.87 -15.92
C LEU B 130 -5.41 17.64 -14.77
N ALA B 131 -5.83 18.89 -14.63
CA ALA B 131 -5.49 19.69 -13.46
C ALA B 131 -6.61 19.57 -12.44
N VAL B 132 -6.24 19.71 -11.16
CA VAL B 132 -7.14 19.46 -10.04
C VAL B 132 -7.32 20.75 -9.23
N THR B 133 -8.56 21.09 -8.93
CA THR B 133 -8.86 22.06 -7.88
C THR B 133 -9.13 21.27 -6.62
N LEU B 134 -8.31 21.50 -5.59
CA LEU B 134 -8.30 20.70 -4.37
C LEU B 134 -8.70 21.56 -3.19
N ILE B 135 -9.53 21.00 -2.31
CA ILE B 135 -9.96 21.71 -1.10
C ILE B 135 -8.74 22.17 -0.29
N GLU B 136 -8.85 23.37 0.30
CA GLU B 136 -7.86 23.88 1.26
C GLU B 136 -8.61 24.54 2.41
N PRO B 137 -8.24 24.28 3.66
CA PRO B 137 -7.15 23.40 4.12
C PRO B 137 -7.52 21.95 3.92
N CYS B 138 -6.50 21.10 3.86
CA CYS B 138 -6.70 19.66 3.94
C CYS B 138 -5.38 19.04 4.33
N PHE B 139 -5.43 17.80 4.82
CA PHE B 139 -4.19 17.13 5.21
CA PHE B 139 -4.19 17.13 5.21
C PHE B 139 -3.21 17.12 4.04
N ASP B 140 -1.96 17.48 4.33
CA ASP B 140 -1.02 17.79 3.27
C ASP B 140 -0.61 16.59 2.41
N ASN B 141 -0.73 15.34 2.92
CA ASN B 141 -0.17 14.29 2.08
C ASN B 141 -1.04 14.05 0.85
N LEU B 142 -2.30 14.49 0.88
CA LEU B 142 -3.12 14.48 -0.33
CA LEU B 142 -3.12 14.48 -0.33
C LEU B 142 -2.48 15.33 -1.41
N TYR B 143 -2.11 16.57 -1.06
CA TYR B 143 -1.41 17.43 -1.98
C TYR B 143 -0.09 16.82 -2.40
N ASP B 144 0.68 16.31 -1.43
CA ASP B 144 2.02 15.82 -1.75
C ASP B 144 1.98 14.60 -2.65
N VAL B 145 1.07 13.66 -2.39
CA VAL B 145 0.98 12.46 -3.23
C VAL B 145 0.68 12.87 -4.66
N LEU B 146 -0.30 13.75 -4.85
CA LEU B 146 -0.69 14.15 -6.19
C LEU B 146 0.40 15.00 -6.85
N ALA B 147 1.04 15.90 -6.09
CA ALA B 147 2.14 16.70 -6.64
C ALA B 147 3.33 15.81 -7.00
N ASN B 148 3.59 14.77 -6.21
CA ASN B 148 4.70 13.88 -6.52
C ASN B 148 4.43 13.06 -7.77
N MET B 149 3.19 13.06 -8.23
CA MET B 149 2.84 12.46 -9.51
CA MET B 149 2.84 12.47 -9.50
C MET B 149 2.63 13.52 -10.59
N ASP B 150 3.08 14.74 -10.33
CA ASP B 150 3.04 15.83 -11.31
C ASP B 150 1.62 16.23 -11.69
N VAL B 151 0.65 15.99 -10.81
CA VAL B 151 -0.70 16.49 -11.03
C VAL B 151 -0.75 17.97 -10.67
N PRO B 152 -1.17 18.86 -11.58
CA PRO B 152 -1.32 20.28 -11.21
C PRO B 152 -2.44 20.48 -10.19
N LEU B 153 -2.16 21.31 -9.18
CA LEU B 153 -3.06 21.47 -8.05
C LEU B 153 -3.31 22.95 -7.77
N TYR B 154 -4.59 23.31 -7.67
CA TYR B 154 -4.99 24.68 -7.39
C TYR B 154 -5.97 24.68 -6.24
N PRO B 155 -5.83 25.58 -5.27
CA PRO B 155 -6.69 25.52 -4.08
C PRO B 155 -8.06 26.12 -4.28
N ILE B 156 -9.02 25.59 -3.53
CA ILE B 156 -10.31 26.24 -3.34
C ILE B 156 -10.63 26.24 -1.84
N ASP B 157 -10.92 27.41 -1.29
CA ASP B 157 -11.11 27.47 0.15
C ASP B 157 -12.40 26.81 0.58
N GLU B 158 -12.34 26.16 1.74
CA GLU B 158 -13.50 25.51 2.32
C GLU B 158 -14.71 26.43 2.43
N SER B 159 -14.50 27.74 2.63
CA SER B 159 -15.62 28.64 2.86
C SER B 159 -16.55 28.70 1.66
N VAL B 160 -16.11 28.28 0.47
CA VAL B 160 -17.03 28.31 -0.66
C VAL B 160 -18.22 27.40 -0.43
N PHE B 161 -18.13 26.48 0.53
CA PHE B 161 -19.19 25.52 0.79
C PHE B 161 -20.06 25.88 1.99
N TYR B 162 -19.80 27.02 2.65
CA TYR B 162 -20.52 27.32 3.88
C TYR B 162 -21.96 27.74 3.63
N ASP B 163 -22.22 28.42 2.51
CA ASP B 163 -23.56 28.95 2.18
C ASP B 163 -24.10 28.15 1.01
N VAL B 164 -25.16 27.37 1.25
CA VAL B 164 -25.58 26.38 0.26
C VAL B 164 -26.01 27.05 -1.04
N ASP B 165 -26.56 28.26 -0.96
CA ASP B 165 -27.08 28.92 -2.15
C ASP B 165 -26.01 29.63 -2.95
N ARG B 166 -24.78 29.66 -2.45
CA ARG B 166 -23.66 30.23 -3.16
C ARG B 166 -22.67 29.19 -3.67
N ILE B 167 -22.89 27.89 -3.38
CA ILE B 167 -21.93 26.87 -3.78
C ILE B 167 -21.77 26.86 -5.29
N TYR B 168 -22.88 26.80 -6.02
CA TYR B 168 -22.78 26.66 -7.47
C TYR B 168 -22.12 27.87 -8.13
N PRO B 169 -22.54 29.12 -7.90
CA PRO B 169 -21.83 30.24 -8.53
C PRO B 169 -20.39 30.38 -8.07
N GLU B 170 -20.07 30.02 -6.83
CA GLU B 170 -18.68 30.09 -6.42
C GLU B 170 -17.83 29.06 -7.15
N LEU B 171 -18.36 27.84 -7.34
CA LEU B 171 -17.63 26.84 -8.13
C LEU B 171 -17.48 27.30 -9.57
N GLU B 172 -18.54 27.89 -10.15
CA GLU B 172 -18.45 28.41 -11.51
C GLU B 172 -17.29 29.38 -11.64
N ARG B 173 -17.10 30.23 -10.64
CA ARG B 173 -16.06 31.24 -10.71
C ARG B 173 -14.68 30.63 -10.47
N ARG B 174 -14.59 29.68 -9.54
CA ARG B 174 -13.30 29.30 -8.97
C ARG B 174 -12.76 27.96 -9.43
N VAL B 175 -13.57 27.09 -10.02
CA VAL B 175 -13.09 25.80 -10.51
C VAL B 175 -12.84 25.94 -12.01
N ARG B 176 -11.59 26.20 -12.37
CA ARG B 176 -11.22 26.41 -13.77
C ARG B 176 -10.22 25.36 -14.22
N THR B 177 -10.35 24.16 -13.65
CA THR B 177 -9.63 22.94 -14.00
C THR B 177 -10.66 21.89 -14.38
N ASP B 178 -10.19 20.74 -14.88
CA ASP B 178 -11.13 19.70 -15.28
C ASP B 178 -11.52 18.76 -14.16
N ALA B 179 -10.88 18.85 -12.98
CA ALA B 179 -11.21 17.98 -11.87
C ALA B 179 -11.32 18.79 -10.59
N LEU B 180 -12.17 18.31 -9.69
CA LEU B 180 -12.43 18.91 -8.39
C LEU B 180 -12.28 17.81 -7.34
N PHE B 181 -11.44 18.04 -6.33
CA PHE B 181 -11.11 17.02 -5.32
C PHE B 181 -11.54 17.57 -3.97
N LEU B 182 -12.54 16.94 -3.35
CA LEU B 182 -13.03 17.35 -2.05
C LEU B 182 -12.72 16.28 -1.01
N VAL B 183 -12.70 16.70 0.26
CA VAL B 183 -12.54 15.80 1.41
C VAL B 183 -13.71 16.08 2.34
N ASP B 184 -14.57 15.08 2.54
CA ASP B 184 -15.80 15.36 3.28
C ASP B 184 -16.22 14.17 4.13
N PRO B 185 -16.29 14.31 5.46
CA PRO B 185 -15.96 15.51 6.24
C PRO B 185 -14.50 15.88 6.11
N ASN B 186 -14.19 17.17 6.23
CA ASN B 186 -12.83 17.60 5.96
C ASN B 186 -11.92 17.38 7.17
N ASN B 187 -10.67 17.10 6.86
CA ASN B 187 -9.57 17.00 7.81
C ASN B 187 -8.70 18.20 7.49
N PRO B 188 -8.54 19.19 8.40
CA PRO B 188 -8.65 19.14 9.86
C PRO B 188 -9.90 19.76 10.49
N THR B 189 -10.77 20.38 9.70
CA THR B 189 -11.82 21.23 10.26
C THR B 189 -13.08 20.49 10.68
N GLY B 190 -13.28 19.27 10.20
CA GLY B 190 -14.55 18.59 10.45
C GLY B 190 -15.72 19.18 9.69
N PHE B 191 -15.47 20.08 8.74
CA PHE B 191 -16.57 20.62 7.96
C PHE B 191 -17.19 19.53 7.10
N SER B 192 -18.50 19.61 6.90
CA SER B 192 -19.14 18.70 5.95
C SER B 192 -20.30 19.39 5.24
N LEU B 193 -20.41 19.11 3.94
CA LEU B 193 -21.60 19.52 3.19
C LEU B 193 -22.89 18.95 3.76
N LEU B 194 -22.81 17.92 4.61
CA LEU B 194 -23.99 17.36 5.24
C LEU B 194 -24.66 18.34 6.20
N ARG B 195 -23.99 19.43 6.59
CA ARG B 195 -24.68 20.52 7.25
C ARG B 195 -25.89 21.00 6.47
N HIS B 196 -25.85 20.82 5.14
CA HIS B 196 -26.91 21.25 4.24
C HIS B 196 -27.87 20.12 3.87
N GLY B 197 -27.85 19.02 4.62
CA GLY B 197 -28.68 17.89 4.25
C GLY B 197 -28.14 17.22 3.00
N ARG B 198 -29.02 16.99 2.03
CA ARG B 198 -28.55 16.50 0.73
C ARG B 198 -28.09 17.62 -0.17
N LYS B 199 -28.51 18.87 0.11
CA LYS B 199 -28.47 19.91 -0.90
C LYS B 199 -27.06 20.37 -1.23
N GLY B 200 -26.15 20.36 -0.25
CA GLY B 200 -24.77 20.76 -0.52
C GLY B 200 -24.09 19.86 -1.53
N PHE B 201 -24.11 18.55 -1.28
CA PHE B 201 -23.57 17.59 -2.24
C PHE B 201 -24.32 17.67 -3.57
N GLU B 202 -25.64 17.89 -3.52
CA GLU B 202 -26.38 17.92 -4.78
C GLU B 202 -25.92 19.11 -5.64
N GLU B 203 -25.59 20.24 -5.00
CA GLU B 203 -25.13 21.40 -5.75
C GLU B 203 -23.74 21.17 -6.33
N VAL B 204 -22.84 20.53 -5.57
CA VAL B 204 -21.52 20.22 -6.09
C VAL B 204 -21.64 19.28 -7.29
N VAL B 205 -22.49 18.27 -7.17
CA VAL B 205 -22.64 17.29 -8.25
C VAL B 205 -23.29 17.94 -9.47
N ARG B 206 -24.28 18.81 -9.25
CA ARG B 206 -24.90 19.55 -10.35
C ARG B 206 -23.86 20.37 -11.11
N PHE B 207 -23.00 21.06 -10.38
CA PHE B 207 -21.94 21.84 -11.03
C PHE B 207 -21.03 20.94 -11.85
N CYS B 208 -20.54 19.86 -11.25
CA CYS B 208 -19.58 19.00 -11.95
C CYS B 208 -20.20 18.33 -13.16
N LYS B 209 -21.47 17.92 -13.06
CA LYS B 209 -22.15 17.37 -14.22
C LYS B 209 -22.32 18.42 -15.31
N ASP B 210 -22.84 19.59 -14.94
CA ASP B 210 -23.09 20.65 -15.91
C ASP B 210 -21.83 21.07 -16.65
N HIS B 211 -20.70 21.11 -15.94
CA HIS B 211 -19.48 21.70 -16.47
C HIS B 211 -18.42 20.68 -16.79
N ASP B 212 -18.78 19.40 -16.84
CA ASP B 212 -17.90 18.33 -17.28
C ASP B 212 -16.62 18.28 -16.44
N LYS B 213 -16.80 18.18 -15.13
CA LYS B 213 -15.71 18.05 -14.18
C LYS B 213 -15.69 16.67 -13.58
N LEU B 214 -14.50 16.09 -13.48
CA LEU B 214 -14.32 14.86 -12.71
C LEU B 214 -14.35 15.21 -11.23
N LEU B 215 -15.25 14.55 -10.49
CA LEU B 215 -15.42 14.80 -9.05
C LEU B 215 -14.76 13.68 -8.26
N LEU B 216 -13.70 14.02 -7.52
CA LEU B 216 -13.06 13.09 -6.59
C LEU B 216 -13.43 13.48 -5.18
N ILE B 217 -13.81 12.50 -4.36
CA ILE B 217 -14.19 12.79 -2.99
C ILE B 217 -13.53 11.76 -2.08
N ASP B 218 -12.85 12.25 -1.05
CA ASP B 218 -12.26 11.43 0.00
C ASP B 218 -13.24 11.43 1.18
N PHE B 219 -13.84 10.26 1.45
CA PHE B 219 -14.82 10.07 2.52
C PHE B 219 -14.23 9.42 3.76
N CYS B 220 -12.91 9.54 3.98
CA CYS B 220 -12.25 8.79 5.05
CA CYS B 220 -12.29 8.75 5.04
C CYS B 220 -12.83 9.10 6.41
N PHE B 221 -13.33 10.31 6.62
CA PHE B 221 -13.90 10.72 7.92
C PHE B 221 -15.43 10.50 8.00
N ALA B 222 -16.05 9.85 7.01
CA ALA B 222 -17.50 9.78 6.95
C ALA B 222 -18.12 8.93 8.06
N SER B 223 -17.36 7.98 8.62
CA SER B 223 -17.87 7.17 9.72
C SER B 223 -18.33 8.05 10.88
N PHE B 224 -17.71 9.22 11.05
CA PHE B 224 -18.02 10.07 12.18
C PHE B 224 -19.34 10.80 12.01
N THR B 225 -19.98 10.67 10.85
CA THR B 225 -21.35 11.14 10.68
C THR B 225 -22.39 10.08 11.03
N LEU B 226 -22.01 8.82 11.11
CA LEU B 226 -23.03 7.78 11.17
C LEU B 226 -23.79 7.82 12.50
N PHE B 227 -25.08 7.51 12.43
CA PHE B 227 -26.01 7.49 13.56
C PHE B 227 -26.24 8.88 14.15
N GLU B 228 -25.71 9.93 13.54
CA GLU B 228 -26.01 11.28 13.98
C GLU B 228 -27.41 11.66 13.53
N PRO B 229 -28.25 12.20 14.42
CA PRO B 229 -29.66 12.43 14.06
C PRO B 229 -29.87 13.34 12.88
N GLU B 230 -29.01 14.35 12.68
CA GLU B 230 -29.17 15.29 11.59
C GLU B 230 -28.08 15.21 10.53
N LEU B 231 -26.96 14.54 10.81
CA LEU B 231 -25.81 14.59 9.94
C LEU B 231 -25.47 13.26 9.29
N ALA B 232 -26.20 12.18 9.60
CA ALA B 232 -25.81 10.86 9.08
C ALA B 232 -25.81 10.88 7.56
N ARG B 233 -24.73 10.36 6.97
CA ARG B 233 -24.60 10.42 5.53
C ARG B 233 -25.74 9.68 4.83
N PHE B 234 -26.24 10.27 3.75
CA PHE B 234 -27.19 9.59 2.88
C PHE B 234 -26.43 8.70 1.89
N ASP B 235 -27.15 8.01 1.02
CA ASP B 235 -26.50 7.13 0.03
C ASP B 235 -25.84 8.01 -1.03
N MET B 236 -24.54 8.24 -0.87
CA MET B 236 -23.81 9.09 -1.81
CA MET B 236 -23.82 9.10 -1.82
C MET B 236 -23.74 8.47 -3.20
N TYR B 237 -23.67 7.14 -3.28
CA TYR B 237 -23.49 6.51 -4.57
C TYR B 237 -24.76 6.54 -5.40
N GLU B 238 -25.92 6.58 -4.75
CA GLU B 238 -27.17 6.83 -5.46
C GLU B 238 -27.12 8.16 -6.22
N LEU B 239 -26.67 9.22 -5.54
CA LEU B 239 -26.55 10.53 -6.17
C LEU B 239 -25.49 10.53 -7.27
N LEU B 240 -24.31 9.99 -6.99
CA LEU B 240 -23.26 9.98 -7.99
C LEU B 240 -23.67 9.17 -9.23
N GLU B 241 -24.28 8.01 -9.03
CA GLU B 241 -24.71 7.20 -10.17
C GLU B 241 -25.85 7.87 -10.93
N ASN B 242 -26.88 8.34 -10.21
CA ASN B 242 -28.04 8.92 -10.89
C ASN B 242 -27.64 10.14 -11.71
N SER B 243 -26.69 10.93 -11.21
CA SER B 243 -26.34 12.16 -11.90
C SER B 243 -25.55 11.91 -13.16
N GLY B 244 -24.90 10.75 -13.27
CA GLY B 244 -24.03 10.46 -14.40
C GLY B 244 -22.71 11.20 -14.39
N VAL B 245 -22.38 11.88 -13.30
CA VAL B 245 -21.11 12.59 -13.21
C VAL B 245 -19.95 11.60 -13.27
N ARG B 246 -18.84 12.03 -13.84
CA ARG B 246 -17.61 11.26 -13.73
C ARG B 246 -17.06 11.41 -12.31
N TYR B 247 -16.75 10.30 -11.65
CA TYR B 247 -16.33 10.42 -10.25
C TYR B 247 -15.35 9.32 -9.83
N LEU B 248 -14.62 9.64 -8.77
CA LEU B 248 -13.82 8.69 -8.00
C LEU B 248 -14.07 8.96 -6.53
N ALA B 249 -14.46 7.93 -5.78
CA ALA B 249 -14.84 8.06 -4.38
C ALA B 249 -14.00 7.12 -3.54
N ILE B 250 -13.35 7.66 -2.50
CA ILE B 250 -12.45 6.87 -1.66
C ILE B 250 -13.02 6.76 -0.25
N GLU B 251 -13.07 5.54 0.28
CA GLU B 251 -13.53 5.25 1.63
C GLU B 251 -12.42 4.55 2.41
N ASP B 252 -12.52 4.56 3.74
CA ASP B 252 -11.40 4.10 4.57
C ASP B 252 -11.92 3.45 5.83
N THR B 253 -11.07 2.60 6.42
CA THR B 253 -11.30 2.04 7.75
C THR B 253 -10.30 2.54 8.79
N GLY B 254 -9.14 3.04 8.38
CA GLY B 254 -8.04 3.19 9.31
C GLY B 254 -8.20 4.31 10.31
N LYS B 255 -9.01 5.32 9.99
CA LYS B 255 -9.23 6.39 10.95
C LYS B 255 -10.34 6.08 11.94
N THR B 256 -11.12 5.05 11.69
CA THR B 256 -12.30 4.75 12.50
C THR B 256 -12.00 3.79 13.63
N TRP B 257 -11.30 2.70 13.32
CA TRP B 257 -11.15 1.60 14.27
C TRP B 257 -9.72 1.48 14.77
N PRO B 258 -9.51 1.01 15.98
CA PRO B 258 -8.15 0.84 16.51
C PRO B 258 -7.53 -0.47 16.04
N VAL B 259 -7.16 -0.49 14.76
CA VAL B 259 -6.66 -1.70 14.11
C VAL B 259 -5.17 -1.59 13.81
N GLN B 260 -4.47 -0.67 14.47
CA GLN B 260 -3.00 -0.55 14.38
C GLN B 260 -2.53 -0.49 12.92
N ASP B 261 -3.29 0.21 12.09
CA ASP B 261 -2.99 0.44 10.68
C ASP B 261 -2.94 -0.85 9.87
N ALA B 262 -3.55 -1.92 10.37
CA ALA B 262 -3.81 -3.11 9.55
C ALA B 262 -5.21 -2.91 8.97
N LYS B 263 -5.28 -2.28 7.80
CA LYS B 263 -6.49 -1.59 7.38
C LYS B 263 -6.76 -1.86 5.90
N CYS B 264 -7.79 -1.20 5.38
CA CYS B 264 -8.26 -1.39 4.01
C CYS B 264 -8.95 -0.11 3.56
N ALA B 265 -8.64 0.35 2.35
CA ALA B 265 -9.38 1.42 1.73
C ALA B 265 -10.11 0.91 0.49
N LEU B 266 -11.10 1.69 0.07
CA LEU B 266 -12.00 1.32 -1.02
C LEU B 266 -12.06 2.47 -2.02
N ILE B 267 -12.05 2.15 -3.30
CA ILE B 267 -12.25 3.17 -4.33
C ILE B 267 -13.34 2.68 -5.30
N THR B 268 -14.22 3.61 -5.68
CA THR B 268 -15.32 3.36 -6.61
C THR B 268 -15.29 4.44 -7.67
N ALA B 269 -15.47 4.03 -8.93
CA ALA B 269 -15.38 4.92 -10.08
C ALA B 269 -16.67 4.88 -10.86
N SER B 270 -16.99 5.99 -11.53
CA SER B 270 -18.15 6.00 -12.42
C SER B 270 -17.98 4.98 -13.54
N ASP B 271 -19.12 4.57 -14.11
CA ASP B 271 -19.11 3.49 -15.11
C ASP B 271 -18.24 3.81 -16.31
N ASP B 272 -18.17 5.08 -16.72
CA ASP B 272 -17.49 5.42 -17.95
C ASP B 272 -15.97 5.32 -17.83
N ILE B 273 -15.42 5.40 -16.62
CA ILE B 273 -13.99 5.29 -16.41
C ILE B 273 -13.61 4.04 -15.63
N TRP B 274 -14.59 3.20 -15.29
CA TRP B 274 -14.35 2.06 -14.40
C TRP B 274 -13.29 1.12 -14.96
N GLU B 275 -13.37 0.80 -16.26
CA GLU B 275 -12.42 -0.16 -16.82
C GLU B 275 -10.99 0.37 -16.78
N THR B 276 -10.79 1.64 -17.13
CA THR B 276 -9.45 2.23 -17.03
C THR B 276 -8.93 2.18 -15.61
N VAL B 277 -9.77 2.54 -14.65
CA VAL B 277 -9.34 2.60 -13.26
C VAL B 277 -9.11 1.20 -12.72
N TYR B 278 -9.93 0.23 -13.14
CA TYR B 278 -9.69 -1.15 -12.77
C TYR B 278 -8.32 -1.62 -13.22
N ASN B 279 -7.95 -1.32 -14.46
CA ASN B 279 -6.65 -1.75 -14.98
C ASN B 279 -5.50 -1.06 -14.26
N LEU B 280 -5.66 0.23 -13.93
CA LEU B 280 -4.66 0.90 -13.09
C LEU B 280 -4.53 0.21 -11.73
N HIS B 281 -5.67 -0.14 -11.14
CA HIS B 281 -5.71 -0.70 -9.79
C HIS B 281 -5.04 -2.07 -9.74
N THR B 282 -5.26 -2.91 -10.76
CA THR B 282 -4.65 -4.24 -10.73
C THR B 282 -3.15 -4.20 -11.00
N SER B 283 -2.61 -3.09 -11.53
CA SER B 283 -1.16 -3.00 -11.62
C SER B 283 -0.53 -2.76 -10.26
N VAL B 284 -1.30 -2.26 -9.29
CA VAL B 284 -0.77 -1.93 -7.97
C VAL B 284 -0.81 -3.15 -7.03
N LEU B 285 -1.92 -3.87 -6.99
CA LEU B 285 -1.99 -5.03 -6.11
C LEU B 285 -3.01 -6.01 -6.64
N LEU B 286 -2.82 -7.28 -6.26
CA LEU B 286 -3.77 -8.32 -6.57
C LEU B 286 -4.87 -8.40 -5.51
N ASN B 287 -4.51 -8.24 -4.24
CA ASN B 287 -5.44 -8.48 -3.16
C ASN B 287 -4.92 -7.85 -1.87
N VAL B 288 -5.87 -7.44 -1.02
CA VAL B 288 -5.59 -7.15 0.37
C VAL B 288 -5.61 -8.47 1.13
N SER B 289 -4.78 -8.59 2.17
CA SER B 289 -4.73 -9.79 2.99
C SER B 289 -6.12 -10.25 3.37
N PRO B 290 -6.51 -11.50 3.10
CA PRO B 290 -7.83 -11.95 3.54
C PRO B 290 -7.94 -12.07 5.05
N PHE B 291 -6.81 -12.26 5.74
CA PHE B 291 -6.80 -12.24 7.21
C PHE B 291 -7.17 -10.85 7.73
N VAL B 292 -6.53 -9.81 7.18
CA VAL B 292 -6.87 -8.46 7.59
C VAL B 292 -8.32 -8.15 7.25
N LEU B 293 -8.77 -8.56 6.06
CA LEU B 293 -10.17 -8.29 5.69
C LEU B 293 -11.12 -8.98 6.65
N ASN B 294 -10.83 -10.23 7.01
CA ASN B 294 -11.66 -10.97 7.96
C ASN B 294 -11.69 -10.26 9.31
N MET B 295 -10.53 -9.83 9.78
CA MET B 295 -10.47 -9.10 11.05
CA MET B 295 -10.45 -9.09 11.05
C MET B 295 -11.25 -7.79 10.98
N LEU B 296 -11.04 -7.01 9.91
CA LEU B 296 -11.74 -5.73 9.79
C LEU B 296 -13.23 -5.92 9.75
N THR B 297 -13.70 -6.98 9.09
CA THR B 297 -15.13 -7.27 9.04
C THR B 297 -15.71 -7.42 10.43
N GLN B 298 -14.96 -8.05 11.35
CA GLN B 298 -15.43 -8.18 12.72
C GLN B 298 -15.55 -6.82 13.41
N TYR B 299 -14.60 -5.91 13.15
CA TYR B 299 -14.69 -4.57 13.75
C TYR B 299 -15.90 -3.81 13.22
N VAL B 300 -16.16 -3.92 11.91
CA VAL B 300 -17.32 -3.27 11.32
C VAL B 300 -18.60 -3.81 11.94
N ARG B 301 -18.72 -5.14 12.05
CA ARG B 301 -19.92 -5.73 12.63
C ARG B 301 -20.06 -5.36 14.09
N ASP B 302 -18.94 -5.30 14.82
CA ASP B 302 -18.97 -4.90 16.22
C ASP B 302 -19.54 -3.49 16.39
N SER B 303 -19.15 -2.58 15.50
CA SER B 303 -19.62 -1.21 15.61
C SER B 303 -21.03 -1.05 15.10
N ALA B 304 -21.48 -1.89 14.17
CA ALA B 304 -22.91 -1.91 13.85
C ALA B 304 -23.71 -2.27 15.08
N ALA B 305 -23.18 -3.17 15.90
CA ALA B 305 -23.90 -3.67 17.06
C ALA B 305 -24.04 -2.60 18.14
N ASP B 306 -23.02 -1.76 18.33
CA ASP B 306 -23.10 -0.72 19.37
C ASP B 306 -23.30 0.68 18.79
N ARG B 307 -23.69 0.76 17.52
CA ARG B 307 -23.93 2.03 16.84
C ARG B 307 -22.73 2.98 16.99
N LEU B 308 -21.53 2.40 16.84
CA LEU B 308 -20.25 3.11 16.88
C LEU B 308 -19.97 3.75 18.23
N ALA B 309 -20.65 3.30 19.31
CA ALA B 309 -20.50 3.96 20.60
C ALA B 309 -19.06 3.89 21.12
N SER B 310 -18.39 2.75 20.93
CA SER B 310 -17.04 2.65 21.49
C SER B 310 -16.07 3.58 20.79
N VAL B 311 -16.32 3.92 19.52
CA VAL B 311 -15.53 4.94 18.85
C VAL B 311 -15.95 6.34 19.30
N ARG B 312 -17.26 6.62 19.26
CA ARG B 312 -17.73 7.98 19.50
C ARG B 312 -17.44 8.44 20.93
N GLU B 313 -17.59 7.54 21.90
CA GLU B 313 -17.47 7.94 23.30
C GLU B 313 -16.04 8.35 23.65
N VAL B 314 -15.04 7.65 23.10
CA VAL B 314 -13.65 8.04 23.33
C VAL B 314 -13.39 9.41 22.73
N LEU B 315 -13.84 9.62 21.50
CA LEU B 315 -13.57 10.90 20.84
C LEU B 315 -14.27 12.03 21.58
N THR B 316 -15.50 11.80 22.03
CA THR B 316 -16.24 12.83 22.74
C THR B 316 -15.55 13.18 24.06
N ARG B 317 -15.07 12.17 24.78
CA ARG B 317 -14.40 12.43 26.05
C ARG B 317 -13.18 13.32 25.84
N ASN B 318 -12.38 13.03 24.80
CA ASN B 318 -11.18 13.80 24.57
C ASN B 318 -11.50 15.17 23.99
N ARG B 319 -12.49 15.23 23.08
CA ARG B 319 -12.92 16.52 22.52
C ARG B 319 -13.38 17.46 23.63
N GLU B 320 -14.21 16.95 24.54
CA GLU B 320 -14.70 17.78 25.63
C GLU B 320 -13.57 18.19 26.57
N CYS B 321 -12.63 17.27 26.83
CA CYS B 321 -11.49 17.61 27.68
C CYS B 321 -10.68 18.74 27.06
N ALA B 322 -10.40 18.64 25.76
CA ALA B 322 -9.67 19.69 25.06
C ALA B 322 -10.42 21.01 25.12
N ARG B 323 -11.72 20.98 24.84
CA ARG B 323 -12.50 22.21 24.81
C ARG B 323 -12.50 22.91 26.17
N LYS B 324 -12.81 22.18 27.24
CA LYS B 324 -12.81 22.79 28.57
C LYS B 324 -11.43 23.26 28.98
N THR B 325 -10.40 22.46 28.68
CA THR B 325 -9.05 22.77 29.12
C THR B 325 -8.52 24.04 28.47
N LEU B 326 -8.81 24.23 27.19
CA LEU B 326 -8.23 25.33 26.42
C LEU B 326 -9.15 26.54 26.27
N ASP B 327 -10.35 26.49 26.85
CA ASP B 327 -11.26 27.63 26.78
C ASP B 327 -10.61 28.88 27.38
N GLY B 328 -10.58 29.96 26.62
CA GLY B 328 -9.96 31.19 27.08
C GLY B 328 -8.46 31.27 26.91
N SER B 329 -7.82 30.22 26.38
CA SER B 329 -6.38 30.24 26.16
C SER B 329 -6.08 30.87 24.80
N ILE B 330 -4.78 30.93 24.45
CA ILE B 330 -4.42 31.39 23.12
C ILE B 330 -4.80 30.40 22.03
N LEU B 331 -5.29 29.22 22.38
CA LEU B 331 -5.76 28.26 21.38
C LEU B 331 -7.29 28.28 21.41
N GLU B 332 -7.88 28.83 20.35
CA GLU B 332 -9.31 29.06 20.26
C GLU B 332 -9.95 27.89 19.51
N TYR B 333 -10.73 27.09 20.24
CA TYR B 333 -11.38 25.92 19.66
C TYR B 333 -12.29 26.32 18.50
N GLN B 334 -12.17 25.59 17.37
CA GLN B 334 -13.01 25.79 16.19
C GLN B 334 -14.02 24.65 16.14
N GLU B 335 -15.25 24.93 16.54
CA GLU B 335 -16.25 23.87 16.61
C GLU B 335 -16.47 23.27 15.22
N PRO B 336 -16.39 21.95 15.07
CA PRO B 336 -16.58 21.33 13.76
C PRO B 336 -18.03 21.00 13.48
N VAL B 337 -18.35 20.90 12.19
CA VAL B 337 -19.68 20.43 11.79
C VAL B 337 -19.88 18.99 12.24
N VAL B 338 -18.86 18.16 12.02
CA VAL B 338 -18.88 16.72 12.29
C VAL B 338 -17.88 16.42 13.40
N LYS B 339 -18.27 15.53 14.31
CA LYS B 339 -17.45 15.13 15.46
C LYS B 339 -16.37 14.14 14.99
N VAL B 340 -15.41 14.66 14.23
CA VAL B 340 -14.31 13.87 13.71
C VAL B 340 -13.25 13.65 14.76
N SER B 341 -12.23 12.87 14.41
CA SER B 341 -11.21 12.43 15.36
C SER B 341 -10.06 13.41 15.52
N VAL B 342 -10.21 14.64 15.06
CA VAL B 342 -9.18 15.65 15.22
C VAL B 342 -9.85 16.94 15.67
N ALA B 343 -9.12 17.76 16.42
CA ALA B 343 -9.63 19.05 16.85
C ALA B 343 -8.73 20.16 16.28
N TRP B 344 -9.37 21.28 15.93
CA TRP B 344 -8.73 22.34 15.18
C TRP B 344 -8.86 23.64 15.97
N PHE B 345 -7.74 24.35 16.14
CA PHE B 345 -7.71 25.55 16.97
C PHE B 345 -7.08 26.69 16.18
N ARG B 346 -7.58 27.90 16.43
CA ARG B 346 -6.97 29.12 15.92
C ARG B 346 -6.07 29.72 17.00
N VAL B 347 -4.90 30.19 16.60
CA VAL B 347 -3.98 30.84 17.52
C VAL B 347 -4.42 32.29 17.70
N ASP B 348 -4.93 32.63 18.90
CA ASP B 348 -5.41 33.98 19.20
C ASP B 348 -4.36 34.71 20.04
N HIS B 349 -3.41 35.31 19.32
CA HIS B 349 -2.31 36.02 19.94
C HIS B 349 -1.80 37.05 18.94
N PRO B 350 -1.28 38.19 19.41
CA PRO B 350 -0.81 39.21 18.46
C PRO B 350 0.49 38.85 17.76
N GLU B 351 1.36 38.03 18.37
CA GLU B 351 2.67 37.72 17.80
C GLU B 351 2.92 36.25 17.56
N LEU B 352 2.51 35.38 18.49
CA LEU B 352 2.85 33.96 18.41
C LEU B 352 2.17 33.28 17.23
N THR B 353 2.90 32.38 16.57
CA THR B 353 2.38 31.55 15.50
C THR B 353 2.16 30.12 15.98
N ALA B 354 1.50 29.34 15.11
CA ALA B 354 1.38 27.90 15.37
C ALA B 354 2.75 27.23 15.47
N THR B 355 3.71 27.69 14.66
CA THR B 355 5.07 27.17 14.76
C THR B 355 5.68 27.45 16.14
N ASP B 356 5.46 28.66 16.68
CA ASP B 356 5.89 28.95 18.05
C ASP B 356 5.20 28.02 19.04
N VAL B 357 3.89 27.85 18.90
CA VAL B 357 3.14 27.02 19.85
C VAL B 357 3.62 25.59 19.81
N HIS B 358 3.83 25.05 18.60
CA HIS B 358 4.38 23.70 18.47
C HIS B 358 5.73 23.59 19.14
N ARG B 359 6.60 24.58 18.92
CA ARG B 359 7.94 24.55 19.52
C ARG B 359 7.85 24.52 21.04
N LEU B 360 6.99 25.37 21.60
CA LEU B 360 6.89 25.48 23.06
C LEU B 360 6.29 24.22 23.67
N LEU B 361 5.29 23.63 23.00
CA LEU B 361 4.67 22.43 23.56
C LEU B 361 5.58 21.22 23.43
N SER B 362 6.29 21.09 22.31
CA SER B 362 7.14 19.93 22.14
C SER B 362 8.35 19.97 23.05
N ALA B 363 8.81 21.16 23.43
CA ALA B 363 9.91 21.25 24.41
C ALA B 363 9.50 20.67 25.76
N ASP B 364 8.20 20.63 26.06
CA ASP B 364 7.72 20.02 27.29
C ASP B 364 7.03 18.68 27.04
N GLY B 365 7.20 18.11 25.85
CA GLY B 365 6.81 16.74 25.60
C GLY B 365 5.46 16.53 24.95
N VAL B 366 4.77 17.59 24.53
CA VAL B 366 3.46 17.49 23.91
C VAL B 366 3.60 17.82 22.43
N TYR B 367 3.14 16.92 21.57
CA TYR B 367 3.38 17.06 20.14
C TYR B 367 2.06 17.23 19.41
N VAL B 368 1.82 18.45 18.91
CA VAL B 368 0.65 18.75 18.08
C VAL B 368 1.15 19.08 16.69
N LEU B 369 0.23 19.37 15.76
CA LEU B 369 0.63 19.72 14.40
C LEU B 369 0.37 21.19 14.13
N PRO B 370 1.38 21.94 13.70
CA PRO B 370 1.13 23.29 13.19
C PRO B 370 0.23 23.24 11.96
N GLY B 371 -0.58 24.27 11.79
CA GLY B 371 -1.52 24.28 10.68
C GLY B 371 -0.89 24.50 9.32
N ARG B 372 0.41 24.84 9.28
CA ARG B 372 1.07 25.27 8.05
C ARG B 372 0.82 24.31 6.89
N TYR B 373 1.11 23.04 7.07
CA TYR B 373 1.07 22.21 5.87
C TYR B 373 -0.35 21.87 5.44
N PHE B 374 -1.36 22.03 6.33
CA PHE B 374 -2.74 21.88 5.88
C PHE B 374 -3.13 22.96 4.89
N TYR B 375 -2.46 24.11 4.92
CA TYR B 375 -2.66 25.12 3.89
C TYR B 375 -1.58 24.92 2.83
N TRP B 376 -1.78 23.84 2.06
CA TRP B 376 -0.74 23.31 1.19
C TRP B 376 -0.37 24.25 0.05
N SER B 377 -1.25 25.18 -0.32
CA SER B 377 -0.90 26.13 -1.36
C SER B 377 -0.17 27.37 -0.84
N GLU B 378 -0.21 27.59 0.46
CA GLU B 378 0.25 28.84 1.04
C GLU B 378 0.45 28.56 2.52
N PRO B 379 1.52 27.83 2.89
CA PRO B 379 1.62 27.33 4.28
C PRO B 379 1.59 28.42 5.35
N SER B 380 2.01 29.64 5.06
CA SER B 380 1.94 30.70 6.07
C SER B 380 0.52 30.90 6.59
N LYS B 381 -0.49 30.65 5.75
CA LYS B 381 -1.87 30.77 6.25
C LYS B 381 -2.09 29.85 7.44
N GLY B 382 -1.45 28.69 7.43
CA GLY B 382 -1.64 27.73 8.50
C GLY B 382 -0.90 28.04 9.77
N ASP B 383 -0.03 29.04 9.78
CA ASP B 383 0.58 29.46 11.04
C ASP B 383 -0.43 30.09 12.00
N ALA B 384 -1.67 30.24 11.58
CA ALA B 384 -2.72 30.70 12.48
C ALA B 384 -3.48 29.56 13.15
N TYR B 385 -3.09 28.30 12.93
CA TYR B 385 -3.91 27.17 13.39
C TYR B 385 -3.04 26.03 13.92
N VAL B 386 -3.66 25.21 14.77
CA VAL B 386 -3.04 24.02 15.33
C VAL B 386 -4.07 22.90 15.28
N ARG B 387 -3.62 21.67 14.95
CA ARG B 387 -4.46 20.48 14.99
C ARG B 387 -3.99 19.52 16.08
N MET B 388 -4.94 18.89 16.76
CA MET B 388 -4.67 17.91 17.80
CA MET B 388 -4.67 17.91 17.80
C MET B 388 -5.46 16.64 17.51
N ALA B 389 -4.80 15.49 17.65
CA ALA B 389 -5.46 14.20 17.43
C ALA B 389 -6.21 13.77 18.68
N LEU B 390 -7.44 13.27 18.48
CA LEU B 390 -8.31 12.86 19.57
C LEU B 390 -8.43 11.35 19.72
N ALA B 391 -7.98 10.55 18.76
CA ALA B 391 -8.12 9.09 18.82
C ALA B 391 -7.00 8.56 19.71
N ARG B 392 -7.21 8.71 21.01
CA ARG B 392 -6.18 8.43 22.01
C ARG B 392 -6.83 7.88 23.27
N GLU B 393 -6.04 7.12 24.03
CA GLU B 393 -6.47 6.72 25.36
C GLU B 393 -6.83 7.95 26.18
N PRO B 394 -8.01 7.99 26.81
CA PRO B 394 -8.45 9.24 27.44
C PRO B 394 -7.61 9.66 28.65
N GLU B 395 -7.01 8.71 29.37
CA GLU B 395 -6.17 9.09 30.49
C GLU B 395 -4.90 9.80 30.02
N MET B 396 -4.21 9.24 29.02
CA MET B 396 -3.08 9.95 28.43
C MET B 396 -3.50 11.32 27.92
N PHE B 397 -4.63 11.36 27.23
CA PHE B 397 -5.07 12.62 26.64
C PHE B 397 -5.32 13.68 27.70
N ALA B 398 -5.98 13.29 28.80
CA ALA B 398 -6.24 14.24 29.87
C ALA B 398 -4.95 14.76 30.48
N ASP B 399 -3.97 13.87 30.68
CA ASP B 399 -2.67 14.30 31.17
C ASP B 399 -2.01 15.25 30.17
N ALA B 400 -2.14 14.96 28.88
CA ALA B 400 -1.59 15.86 27.86
C ALA B 400 -2.23 17.25 27.93
N MET B 401 -3.56 17.34 28.09
CA MET B 401 -4.18 18.66 28.15
C MET B 401 -3.74 19.45 29.37
N ALA B 402 -3.64 18.82 30.53
CA ALA B 402 -3.20 19.55 31.71
C ALA B 402 -1.82 20.17 31.47
N LEU B 403 -0.91 19.38 30.89
CA LEU B 403 0.42 19.90 30.59
C LEU B 403 0.36 20.98 29.52
N THR B 404 -0.51 20.81 28.52
CA THR B 404 -0.65 21.80 27.46
C THR B 404 -1.06 23.17 28.01
N ARG B 405 -2.09 23.21 28.86
CA ARG B 405 -2.53 24.50 29.40
C ARG B 405 -1.48 25.09 30.33
N GLN B 406 -0.76 24.27 31.08
CA GLN B 406 0.32 24.78 31.93
C GLN B 406 1.41 25.42 31.09
N VAL B 407 1.75 24.82 29.95
CA VAL B 407 2.74 25.43 29.06
C VAL B 407 2.22 26.73 28.48
N LEU B 408 0.97 26.74 28.02
CA LEU B 408 0.42 27.91 27.36
C LEU B 408 0.34 29.11 28.30
N ASP B 409 -0.01 28.87 29.57
CA ASP B 409 -0.30 29.97 30.46
C ASP B 409 0.94 30.71 30.95
N ARG B 410 2.14 30.17 30.73
CA ARG B 410 3.36 30.93 30.94
C ARG B 410 3.84 31.62 29.67
N HIS B 411 2.92 31.98 28.77
CA HIS B 411 3.25 32.70 27.55
C HIS B 411 2.14 33.65 27.13
#